data_6KUA
#
_entry.id   6KUA
#
_cell.length_a   89.019
_cell.length_b   89.019
_cell.length_c   210.694
_cell.angle_alpha   90.000
_cell.angle_beta   90.000
_cell.angle_gamma   90.000
#
_symmetry.space_group_name_H-M   'P 41'
#
loop_
_entity.id
_entity.type
_entity.pdbx_description
1 polymer 'Cysteine hydrolase'
2 non-polymer 'ZINC ION'
3 water water
#
_entity_poly.entity_id   1
_entity_poly.type   'polypeptide(L)'
_entity_poly.pdbx_seq_one_letter_code
;MTHRALLVVDYSYDFIADDGLLTCGKPGQNIEDFIVSRINDFNYYQDHIFFLMDLHYLHDIHHPESKLFPPHNIVDTSGR
ELYGKVGKLYETIKAQPNVHFIDKTRYDSFFGTPLDSLLRERSINQVEIVGVCTDICVLHTAISAYNLGYKISVPAEGVA
SFNQKGHEWALAHFKNSLGAEVEQHV
;
_entity_poly.pdbx_strand_id   A,B,C,D,E,F,G,H
#
# COMPACT_ATOMS: atom_id res chain seq x y z
N MET A 1 -53.47 2.95 -19.85
CA MET A 1 -52.83 3.05 -18.54
C MET A 1 -51.52 3.80 -18.64
N THR A 2 -51.02 4.29 -17.50
CA THR A 2 -49.80 5.10 -17.43
C THR A 2 -48.61 4.35 -16.85
N HIS A 3 -48.86 3.25 -16.16
CA HIS A 3 -47.84 2.44 -15.52
C HIS A 3 -47.66 1.13 -16.28
N ARG A 4 -47.62 1.21 -17.61
CA ARG A 4 -47.63 0.04 -18.48
C ARG A 4 -46.45 0.09 -19.44
N ALA A 5 -45.99 -1.08 -19.86
CA ALA A 5 -44.92 -1.19 -20.83
C ALA A 5 -45.25 -2.31 -21.79
N LEU A 6 -44.78 -2.16 -23.02
CA LEU A 6 -44.94 -3.17 -24.04
C LEU A 6 -43.62 -3.90 -24.20
N LEU A 7 -43.67 -5.23 -24.14
CA LEU A 7 -42.48 -6.05 -24.35
C LEU A 7 -42.65 -6.78 -25.68
N VAL A 8 -41.75 -6.48 -26.63
CA VAL A 8 -41.76 -7.10 -27.95
C VAL A 8 -40.64 -8.13 -28.00
N VAL A 9 -41.01 -9.40 -27.94
CA VAL A 9 -40.06 -10.49 -27.73
C VAL A 9 -39.69 -11.12 -29.07
N ASP A 10 -38.39 -11.02 -29.40
CA ASP A 10 -37.72 -11.80 -30.46
C ASP A 10 -38.45 -11.74 -31.81
N TYR A 11 -38.89 -10.56 -32.20
CA TYR A 11 -39.58 -10.40 -33.49
C TYR A 11 -38.58 -10.08 -34.61
N SER A 12 -37.65 -11.00 -34.81
CA SER A 12 -36.53 -10.82 -35.73
C SER A 12 -36.76 -11.57 -37.03
N TYR A 13 -36.01 -11.13 -38.05
CA TYR A 13 -36.05 -11.79 -39.36
C TYR A 13 -35.77 -13.28 -39.26
N ASP A 14 -34.78 -13.68 -38.45
CA ASP A 14 -34.42 -15.09 -38.35
C ASP A 14 -35.55 -15.95 -37.80
N PHE A 15 -36.41 -15.38 -36.95
CA PHE A 15 -37.52 -16.12 -36.38
C PHE A 15 -38.81 -16.01 -37.19
N ILE A 16 -38.97 -14.96 -37.99
CA ILE A 16 -40.25 -14.65 -38.61
C ILE A 16 -40.26 -14.94 -40.10
N ALA A 17 -39.14 -14.68 -40.79
CA ALA A 17 -39.11 -14.72 -42.24
C ALA A 17 -39.05 -16.15 -42.76
N ASP A 18 -39.64 -16.36 -43.95
CA ASP A 18 -39.65 -17.69 -44.56
C ASP A 18 -38.24 -18.23 -44.78
N ASP A 19 -37.32 -17.39 -45.25
CA ASP A 19 -35.93 -17.79 -45.38
C ASP A 19 -35.12 -17.47 -44.12
N GLY A 20 -35.77 -17.48 -42.95
CA GLY A 20 -35.06 -17.31 -41.71
C GLY A 20 -34.50 -18.62 -41.19
N LEU A 21 -33.40 -18.51 -40.44
CA LEU A 21 -32.69 -19.68 -39.95
C LEU A 21 -33.61 -20.57 -39.10
N LEU A 22 -34.00 -20.09 -37.93
CA LEU A 22 -34.91 -20.81 -37.05
C LEU A 22 -36.29 -20.15 -37.11
N THR A 23 -36.97 -20.32 -38.24
CA THR A 23 -38.12 -19.48 -38.54
C THR A 23 -39.40 -20.02 -37.90
N CYS A 24 -40.41 -19.15 -37.88
CA CYS A 24 -41.77 -19.49 -37.51
C CYS A 24 -42.75 -19.34 -38.66
N GLY A 25 -42.29 -18.95 -39.84
CA GLY A 25 -43.11 -18.87 -41.03
C GLY A 25 -44.37 -18.04 -40.83
N LYS A 26 -45.42 -18.44 -41.55
CA LYS A 26 -46.64 -17.64 -41.67
C LYS A 26 -47.22 -17.16 -40.34
N PRO A 27 -47.33 -17.97 -39.27
CA PRO A 27 -47.99 -17.46 -38.04
C PRO A 27 -47.31 -16.24 -37.46
N GLY A 28 -45.99 -16.25 -37.28
CA GLY A 28 -45.30 -15.06 -36.80
C GLY A 28 -45.45 -13.85 -37.72
N GLN A 29 -45.62 -14.09 -39.02
CA GLN A 29 -45.87 -13.01 -39.97
C GLN A 29 -47.29 -12.48 -39.83
N ASN A 30 -48.23 -13.32 -39.40
CA ASN A 30 -49.62 -12.88 -39.28
C ASN A 30 -49.87 -11.98 -38.07
N ILE A 31 -48.90 -11.79 -37.18
CA ILE A 31 -49.08 -10.90 -36.04
C ILE A 31 -48.43 -9.54 -36.25
N GLU A 32 -47.74 -9.35 -37.38
CA GLU A 32 -47.01 -8.12 -37.66
C GLU A 32 -47.92 -6.88 -37.55
N ASP A 33 -49.09 -6.93 -38.17
CA ASP A 33 -49.97 -5.77 -38.14
C ASP A 33 -50.41 -5.44 -36.72
N PHE A 34 -50.68 -6.47 -35.90
CA PHE A 34 -51.13 -6.22 -34.54
C PHE A 34 -50.02 -5.63 -33.68
N ILE A 35 -48.80 -6.13 -33.85
CA ILE A 35 -47.69 -5.60 -33.06
C ILE A 35 -47.42 -4.14 -33.41
N VAL A 36 -47.42 -3.81 -34.72
CA VAL A 36 -47.23 -2.44 -35.17
C VAL A 36 -48.26 -1.52 -34.52
N SER A 37 -49.50 -1.97 -34.44
CA SER A 37 -50.51 -1.14 -33.82
C SER A 37 -50.38 -1.10 -32.30
N ARG A 38 -49.78 -2.11 -31.66
CA ARG A 38 -49.56 -1.99 -30.22
C ARG A 38 -48.45 -0.98 -29.94
N ILE A 39 -47.40 -0.98 -30.77
CA ILE A 39 -46.31 -0.03 -30.61
C ILE A 39 -46.83 1.39 -30.75
N ASN A 40 -47.66 1.62 -31.78
CA ASN A 40 -48.21 2.96 -31.98
C ASN A 40 -49.09 3.37 -30.81
N ASP A 41 -49.86 2.42 -30.26
CA ASP A 41 -50.70 2.73 -29.10
C ASP A 41 -49.85 3.23 -27.93
N PHE A 42 -48.86 2.44 -27.53
CA PHE A 42 -47.98 2.83 -26.44
C PHE A 42 -47.26 4.13 -26.75
N ASN A 43 -46.75 4.28 -27.98
CA ASN A 43 -46.00 5.47 -28.34
C ASN A 43 -46.87 6.72 -28.25
N TYR A 44 -48.12 6.61 -28.69
CA TYR A 44 -49.07 7.71 -28.57
C TYR A 44 -49.05 8.32 -27.18
N TYR A 45 -49.10 7.48 -26.15
CA TYR A 45 -49.11 7.95 -24.77
C TYR A 45 -47.71 8.14 -24.21
N GLN A 46 -46.69 7.95 -25.04
CA GLN A 46 -45.30 7.93 -24.61
C GLN A 46 -45.06 6.90 -23.52
N ASP A 47 -45.83 5.81 -23.53
CA ASP A 47 -45.52 4.65 -22.70
C ASP A 47 -44.26 3.95 -23.22
N HIS A 48 -43.67 3.14 -22.36
CA HIS A 48 -42.37 2.57 -22.67
C HIS A 48 -42.51 1.28 -23.45
N ILE A 49 -41.62 1.11 -24.43
CA ILE A 49 -41.61 -0.05 -25.31
C ILE A 49 -40.22 -0.64 -25.28
N PHE A 50 -40.13 -1.94 -25.00
CA PHE A 50 -38.86 -2.66 -24.90
C PHE A 50 -38.84 -3.71 -25.99
N PHE A 51 -37.84 -3.62 -26.88
CA PHE A 51 -37.58 -4.65 -27.87
C PHE A 51 -36.51 -5.59 -27.31
N LEU A 52 -36.88 -6.84 -27.08
CA LEU A 52 -36.03 -7.83 -26.43
C LEU A 52 -35.58 -8.85 -27.47
N MET A 53 -34.26 -9.02 -27.61
CA MET A 53 -33.71 -9.76 -28.74
C MET A 53 -32.59 -10.70 -28.34
N ASP A 54 -32.76 -11.97 -28.68
CA ASP A 54 -31.71 -12.97 -28.55
C ASP A 54 -30.37 -12.45 -29.08
N LEU A 55 -29.35 -12.52 -28.24
CA LEU A 55 -27.99 -12.23 -28.64
C LEU A 55 -27.32 -13.53 -29.05
N HIS A 56 -26.62 -13.52 -30.17
CA HIS A 56 -25.81 -14.67 -30.56
C HIS A 56 -24.60 -14.27 -31.39
N SER A 78 -27.78 -9.00 -39.62
CA SER A 78 -28.58 -9.40 -40.77
C SER A 78 -29.88 -10.08 -40.31
N GLY A 79 -29.74 -11.29 -39.78
CA GLY A 79 -30.89 -12.05 -39.33
C GLY A 79 -31.44 -11.59 -37.99
N ARG A 80 -30.65 -10.89 -37.18
CA ARG A 80 -31.11 -10.41 -35.88
C ARG A 80 -31.72 -9.01 -35.95
N GLU A 81 -32.03 -8.51 -37.15
CA GLU A 81 -32.77 -7.27 -37.29
C GLU A 81 -34.26 -7.52 -37.10
N LEU A 82 -34.96 -6.50 -36.62
CA LEU A 82 -36.40 -6.63 -36.43
C LEU A 82 -37.10 -6.85 -37.76
N TYR A 83 -38.19 -7.60 -37.72
CA TYR A 83 -38.85 -8.04 -38.94
C TYR A 83 -39.81 -6.97 -39.48
N GLY A 84 -39.71 -6.70 -40.78
CA GLY A 84 -40.80 -6.13 -41.55
C GLY A 84 -41.22 -4.74 -41.10
N LYS A 85 -42.53 -4.53 -41.04
CA LYS A 85 -43.06 -3.24 -40.60
C LYS A 85 -42.67 -2.91 -39.17
N VAL A 86 -42.48 -3.92 -38.31
CA VAL A 86 -42.04 -3.63 -36.95
C VAL A 86 -40.62 -3.05 -36.98
N GLY A 87 -39.73 -3.66 -37.76
CA GLY A 87 -38.39 -3.12 -37.90
C GLY A 87 -38.37 -1.75 -38.53
N LYS A 88 -39.26 -1.51 -39.50
CA LYS A 88 -39.37 -0.18 -40.11
C LYS A 88 -39.79 0.85 -39.08
N LEU A 89 -40.86 0.58 -38.33
CA LEU A 89 -41.32 1.50 -37.31
C LEU A 89 -40.21 1.77 -36.30
N TYR A 90 -39.45 0.74 -35.92
CA TYR A 90 -38.42 0.91 -34.91
C TYR A 90 -37.37 1.91 -35.35
N GLU A 91 -36.97 1.86 -36.64
CA GLU A 91 -35.98 2.81 -37.14
C GLU A 91 -36.41 4.26 -36.94
N THR A 92 -37.71 4.55 -37.02
CA THR A 92 -38.18 5.92 -36.87
C THR A 92 -38.43 6.35 -35.43
N ILE A 93 -38.38 5.43 -34.45
CA ILE A 93 -38.62 5.81 -33.06
C ILE A 93 -37.48 5.43 -32.13
N LYS A 94 -36.42 4.80 -32.64
CA LYS A 94 -35.42 4.20 -31.76
C LYS A 94 -34.65 5.21 -30.91
N ALA A 95 -34.59 6.49 -31.31
CA ALA A 95 -33.90 7.47 -30.48
C ALA A 95 -34.77 8.03 -29.35
N GLN A 96 -36.06 7.71 -29.33
CA GLN A 96 -36.94 8.29 -28.32
C GLN A 96 -36.65 7.71 -26.94
N PRO A 97 -36.88 8.50 -25.89
CA PRO A 97 -36.56 8.03 -24.53
C PRO A 97 -37.51 6.93 -24.03
N ASN A 98 -38.68 6.75 -24.65
CA ASN A 98 -39.61 5.71 -24.26
C ASN A 98 -39.41 4.41 -25.04
N VAL A 99 -38.29 4.25 -25.75
CA VAL A 99 -38.02 3.10 -26.60
C VAL A 99 -36.68 2.49 -26.18
N HIS A 100 -36.67 1.18 -25.93
CA HIS A 100 -35.47 0.51 -25.43
C HIS A 100 -35.23 -0.78 -26.18
N PHE A 101 -33.95 -1.09 -26.33
CA PHE A 101 -33.50 -2.30 -27.00
C PHE A 101 -32.57 -3.03 -26.06
N ILE A 102 -32.90 -4.29 -25.75
CA ILE A 102 -32.24 -5.03 -24.70
C ILE A 102 -31.82 -6.37 -25.30
N ASP A 103 -30.52 -6.69 -25.22
CA ASP A 103 -30.02 -8.01 -25.59
C ASP A 103 -30.22 -8.99 -24.44
N LYS A 104 -30.66 -10.20 -24.77
CA LYS A 104 -30.86 -11.23 -23.77
C LYS A 104 -30.14 -12.49 -24.20
N THR A 105 -29.75 -13.31 -23.22
CA THR A 105 -28.96 -14.51 -23.48
C THR A 105 -29.75 -15.80 -23.30
N ARG A 106 -30.94 -15.75 -22.71
CA ARG A 106 -31.83 -16.91 -22.59
C ARG A 106 -33.19 -16.55 -23.18
N TYR A 107 -34.09 -17.53 -23.19
CA TYR A 107 -35.46 -17.26 -23.64
C TYR A 107 -36.11 -16.17 -22.81
N ASP A 108 -35.92 -16.22 -21.49
CA ASP A 108 -36.58 -15.31 -20.55
C ASP A 108 -35.97 -13.92 -20.67
N SER A 109 -36.80 -12.94 -21.02
CA SER A 109 -36.35 -11.56 -21.24
C SER A 109 -35.80 -10.91 -19.98
N PHE A 110 -36.12 -11.44 -18.80
CA PHE A 110 -35.64 -10.87 -17.54
C PHE A 110 -34.33 -11.48 -17.06
N PHE A 111 -33.93 -12.63 -17.61
CA PHE A 111 -32.75 -13.32 -17.09
C PHE A 111 -31.47 -12.63 -17.52
N GLY A 112 -30.63 -12.26 -16.56
CA GLY A 112 -29.36 -11.61 -16.86
C GLY A 112 -29.47 -10.27 -17.56
N THR A 113 -30.63 -9.62 -17.50
CA THR A 113 -30.85 -8.32 -18.12
C THR A 113 -31.27 -7.30 -17.07
N PRO A 114 -31.20 -6.01 -17.39
CA PRO A 114 -31.69 -5.00 -16.44
C PRO A 114 -33.17 -4.68 -16.62
N LEU A 115 -33.94 -5.56 -17.26
CA LEU A 115 -35.32 -5.22 -17.61
C LEU A 115 -36.14 -4.87 -16.37
N ASP A 116 -36.09 -5.72 -15.34
CA ASP A 116 -36.90 -5.45 -14.14
C ASP A 116 -36.55 -4.10 -13.54
N SER A 117 -35.25 -3.82 -13.41
CA SER A 117 -34.85 -2.55 -12.81
C SER A 117 -35.25 -1.36 -13.67
N LEU A 118 -35.20 -1.51 -15.00
CA LEU A 118 -35.65 -0.45 -15.90
C LEU A 118 -37.14 -0.18 -15.73
N LEU A 119 -37.95 -1.24 -15.64
CA LEU A 119 -39.39 -1.07 -15.42
C LEU A 119 -39.67 -0.40 -14.07
N ARG A 120 -38.98 -0.84 -13.02
CA ARG A 120 -39.21 -0.28 -11.69
C ARG A 120 -38.82 1.20 -11.63
N GLU A 121 -37.69 1.58 -12.25
CA GLU A 121 -37.26 2.98 -12.34
C GLU A 121 -38.39 3.87 -12.83
N ARG A 122 -39.21 3.36 -13.75
CA ARG A 122 -40.21 4.14 -14.46
C ARG A 122 -41.62 3.95 -13.93
N SER A 123 -41.74 3.33 -12.75
CA SER A 123 -43.03 3.13 -12.08
C SER A 123 -44.00 2.30 -12.92
N ILE A 124 -43.47 1.29 -13.62
CA ILE A 124 -44.28 0.35 -14.39
C ILE A 124 -44.60 -0.85 -13.52
N ASN A 125 -45.88 -1.18 -13.40
CA ASN A 125 -46.27 -2.42 -12.73
C ASN A 125 -47.16 -3.28 -13.62
N GLN A 126 -47.18 -3.00 -14.93
CA GLN A 126 -48.05 -3.73 -15.84
C GLN A 126 -47.34 -3.90 -17.17
N VAL A 127 -47.25 -5.13 -17.67
CA VAL A 127 -46.58 -5.37 -18.95
C VAL A 127 -47.57 -6.04 -19.90
N GLU A 128 -47.49 -5.65 -21.17
CA GLU A 128 -48.15 -6.36 -22.26
C GLU A 128 -47.08 -7.05 -23.09
N ILE A 129 -47.27 -8.32 -23.38
CA ILE A 129 -46.22 -9.11 -24.02
C ILE A 129 -46.69 -9.59 -25.38
N VAL A 130 -45.92 -9.28 -26.41
CA VAL A 130 -46.21 -9.72 -27.76
C VAL A 130 -44.93 -10.30 -28.35
N GLY A 131 -45.10 -11.10 -29.40
CA GLY A 131 -43.92 -11.66 -30.05
C GLY A 131 -43.99 -13.15 -30.21
N VAL A 132 -42.84 -13.81 -30.27
CA VAL A 132 -42.74 -15.24 -30.56
C VAL A 132 -41.65 -15.84 -29.69
N CYS A 133 -41.72 -17.16 -29.44
CA CYS A 133 -42.90 -18.00 -29.62
C CYS A 133 -43.71 -18.01 -28.34
N THR A 134 -45.02 -18.22 -28.49
CA THR A 134 -45.94 -18.18 -27.35
C THR A 134 -45.47 -19.07 -26.22
N ASP A 135 -45.06 -20.29 -26.54
CA ASP A 135 -44.75 -21.29 -25.51
C ASP A 135 -43.25 -21.42 -25.25
N ILE A 136 -42.43 -20.48 -25.72
CA ILE A 136 -41.00 -20.48 -25.36
C ILE A 136 -40.63 -19.11 -24.78
N CYS A 137 -40.13 -18.18 -25.60
CA CYS A 137 -39.64 -16.91 -25.08
C CYS A 137 -40.74 -16.09 -24.43
N VAL A 138 -41.92 -16.04 -25.03
CA VAL A 138 -43.04 -15.35 -24.42
C VAL A 138 -43.40 -16.00 -23.07
N LEU A 139 -43.51 -17.32 -23.06
CA LEU A 139 -43.88 -18.04 -21.83
C LEU A 139 -42.85 -17.80 -20.74
N HIS A 140 -41.56 -17.98 -21.04
CA HIS A 140 -40.53 -17.77 -20.04
C HIS A 140 -40.51 -16.33 -19.55
N THR A 141 -40.68 -15.38 -20.47
CA THR A 141 -40.77 -13.98 -20.07
C THR A 141 -41.99 -13.75 -19.18
N ALA A 142 -43.14 -14.33 -19.56
CA ALA A 142 -44.37 -14.14 -18.78
C ALA A 142 -44.24 -14.70 -17.37
N ILE A 143 -43.56 -15.85 -17.22
CA ILE A 143 -43.39 -16.47 -15.91
C ILE A 143 -42.54 -15.60 -15.00
N SER A 144 -41.46 -15.03 -15.52
CA SER A 144 -40.66 -14.12 -14.71
C SER A 144 -41.43 -12.85 -14.35
N ALA A 145 -42.17 -12.29 -15.32
CA ALA A 145 -43.02 -11.13 -15.03
C ALA A 145 -43.98 -11.47 -13.90
N TYR A 146 -44.55 -12.68 -13.95
CA TYR A 146 -45.47 -13.13 -12.93
C TYR A 146 -44.79 -13.19 -11.57
N ASN A 147 -43.67 -13.91 -11.48
CA ASN A 147 -42.95 -14.01 -10.20
C ASN A 147 -42.55 -12.65 -9.67
N LEU A 148 -42.16 -11.72 -10.54
CA LEU A 148 -41.74 -10.41 -10.10
C LEU A 148 -42.92 -9.51 -9.75
N GLY A 149 -44.15 -10.01 -9.85
CA GLY A 149 -45.30 -9.26 -9.37
C GLY A 149 -45.87 -8.25 -10.34
N TYR A 150 -45.57 -8.37 -11.63
CA TYR A 150 -46.20 -7.52 -12.63
C TYR A 150 -47.57 -8.04 -13.00
N LYS A 151 -48.48 -7.11 -13.26
CA LYS A 151 -49.72 -7.47 -13.95
C LYS A 151 -49.40 -7.72 -15.41
N ILE A 152 -50.06 -8.70 -16.02
CA ILE A 152 -49.62 -9.26 -17.29
C ILE A 152 -50.77 -9.26 -18.28
N SER A 153 -50.48 -8.86 -19.52
CA SER A 153 -51.43 -8.99 -20.61
C SER A 153 -50.73 -9.66 -21.79
N VAL A 154 -51.31 -10.75 -22.28
CA VAL A 154 -50.78 -11.38 -23.49
C VAL A 154 -51.91 -11.53 -24.50
N PRO A 155 -52.08 -10.58 -25.42
CA PRO A 155 -53.18 -10.67 -26.38
C PRO A 155 -52.92 -11.80 -27.36
N ALA A 156 -53.92 -12.66 -27.55
CA ALA A 156 -53.72 -13.82 -28.42
C ALA A 156 -53.42 -13.41 -29.85
N GLU A 157 -53.86 -12.23 -30.27
CA GLU A 157 -53.53 -11.71 -31.59
C GLU A 157 -52.11 -11.18 -31.71
N GLY A 158 -51.38 -11.11 -30.59
CA GLY A 158 -50.07 -10.49 -30.57
C GLY A 158 -48.92 -11.46 -30.39
N VAL A 159 -49.21 -12.77 -30.32
CA VAL A 159 -48.20 -13.79 -30.13
C VAL A 159 -48.46 -14.94 -31.10
N ALA A 160 -47.40 -15.72 -31.39
CA ALA A 160 -47.53 -16.86 -32.29
C ALA A 160 -46.47 -17.91 -31.96
N SER A 161 -46.78 -19.16 -32.34
CA SER A 161 -45.80 -20.24 -32.25
C SER A 161 -45.89 -21.14 -33.48
N PHE A 162 -44.80 -21.87 -33.75
CA PHE A 162 -44.85 -22.90 -34.78
C PHE A 162 -45.66 -24.11 -34.32
N ASN A 163 -45.91 -24.22 -33.02
CA ASN A 163 -46.58 -25.36 -32.41
C ASN A 163 -47.98 -24.93 -31.99
N GLN A 164 -49.00 -25.39 -32.71
CA GLN A 164 -50.37 -24.96 -32.43
C GLN A 164 -50.82 -25.41 -31.04
N LYS A 165 -50.52 -26.66 -30.67
CA LYS A 165 -50.86 -27.16 -29.34
C LYS A 165 -50.19 -26.32 -28.26
N GLY A 166 -48.92 -25.98 -28.46
CA GLY A 166 -48.21 -25.17 -27.47
C GLY A 166 -48.76 -23.76 -27.38
N HIS A 167 -49.12 -23.19 -28.53
CA HIS A 167 -49.74 -21.88 -28.55
C HIS A 167 -51.01 -21.88 -27.68
N GLU A 168 -51.90 -22.84 -27.91
CA GLU A 168 -53.12 -22.90 -27.10
C GLU A 168 -52.83 -23.28 -25.65
N TRP A 169 -51.90 -24.22 -25.44
CA TRP A 169 -51.52 -24.55 -24.06
C TRP A 169 -51.08 -23.31 -23.30
N ALA A 170 -50.22 -22.50 -23.92
CA ALA A 170 -49.60 -21.37 -23.21
C ALA A 170 -50.60 -20.26 -22.93
N LEU A 171 -51.54 -20.03 -23.86
CA LEU A 171 -52.55 -19.00 -23.63
C LEU A 171 -53.41 -19.34 -22.42
N ALA A 172 -53.75 -20.62 -22.23
CA ALA A 172 -54.51 -21.01 -21.05
C ALA A 172 -53.65 -20.93 -19.79
N HIS A 173 -52.39 -21.35 -19.90
CA HIS A 173 -51.45 -21.18 -18.79
C HIS A 173 -51.39 -19.72 -18.34
N PHE A 174 -51.21 -18.80 -19.30
CA PHE A 174 -51.15 -17.38 -18.93
C PHE A 174 -52.42 -16.97 -18.17
N LYS A 175 -53.57 -17.44 -18.63
CA LYS A 175 -54.85 -17.05 -18.02
C LYS A 175 -55.05 -17.75 -16.67
N ASN A 176 -54.83 -19.06 -16.61
CA ASN A 176 -55.27 -19.85 -15.46
C ASN A 176 -54.22 -19.93 -14.35
N SER A 177 -52.92 -19.92 -14.68
CA SER A 177 -51.88 -19.93 -13.66
C SER A 177 -51.25 -18.59 -13.38
N LEU A 178 -51.13 -17.71 -14.38
CA LEU A 178 -50.43 -16.45 -14.19
C LEU A 178 -51.37 -15.27 -13.98
N GLY A 179 -52.68 -15.50 -13.94
CA GLY A 179 -53.63 -14.42 -13.72
C GLY A 179 -53.53 -13.32 -14.77
N ALA A 180 -53.24 -13.68 -16.00
CA ALA A 180 -53.00 -12.69 -17.05
C ALA A 180 -54.28 -12.45 -17.83
N GLU A 181 -54.48 -11.20 -18.24
CA GLU A 181 -55.51 -10.89 -19.21
C GLU A 181 -55.08 -11.40 -20.59
N VAL A 182 -55.85 -12.31 -21.15
CA VAL A 182 -55.57 -12.87 -22.48
C VAL A 182 -56.82 -12.62 -23.32
N GLU A 183 -56.80 -11.56 -24.11
CA GLU A 183 -57.96 -11.17 -24.91
C GLU A 183 -57.92 -11.86 -26.27
N GLN A 184 -59.04 -12.47 -26.67
CA GLN A 184 -59.12 -13.18 -27.95
C GLN A 184 -59.45 -12.24 -29.11
N MET B 1 -24.79 -38.71 -13.06
CA MET B 1 -24.20 -39.77 -12.25
C MET B 1 -23.78 -39.30 -10.82
N THR B 2 -22.91 -38.28 -10.73
CA THR B 2 -22.09 -38.04 -9.54
C THR B 2 -22.44 -36.80 -8.73
N HIS B 3 -22.89 -35.72 -9.37
CA HIS B 3 -23.05 -34.49 -8.62
C HIS B 3 -24.52 -34.07 -8.63
N ARG B 4 -25.40 -34.88 -8.04
CA ARG B 4 -26.82 -34.82 -8.37
C ARG B 4 -27.65 -34.60 -7.12
N ALA B 5 -28.84 -33.99 -7.33
CA ALA B 5 -29.81 -33.84 -6.27
C ALA B 5 -31.19 -34.18 -6.81
N LEU B 6 -32.07 -34.58 -5.91
CA LEU B 6 -33.46 -34.85 -6.24
C LEU B 6 -34.33 -33.72 -5.70
N LEU B 7 -35.17 -33.17 -6.57
CA LEU B 7 -36.16 -32.16 -6.18
C LEU B 7 -37.53 -32.81 -6.23
N VAL B 8 -38.20 -32.91 -5.08
CA VAL B 8 -39.53 -33.49 -4.97
C VAL B 8 -40.49 -32.33 -4.81
N VAL B 9 -41.21 -32.01 -5.88
CA VAL B 9 -41.98 -30.77 -6.00
C VAL B 9 -43.43 -31.05 -5.61
N ASP B 10 -43.88 -30.49 -4.48
CA ASP B 10 -45.30 -30.25 -4.22
C ASP B 10 -46.13 -31.52 -4.11
N TYR B 11 -45.57 -32.56 -3.52
CA TYR B 11 -46.22 -33.85 -3.53
C TYR B 11 -47.06 -34.03 -2.27
N SER B 12 -48.05 -33.15 -2.12
CA SER B 12 -48.75 -33.00 -0.85
C SER B 12 -50.15 -33.60 -0.91
N TYR B 13 -50.66 -33.88 0.30
CA TYR B 13 -52.04 -34.34 0.46
C TYR B 13 -53.02 -33.54 -0.41
N ASP B 14 -52.92 -32.19 -0.36
CA ASP B 14 -53.87 -31.33 -1.05
C ASP B 14 -53.79 -31.44 -2.57
N PHE B 15 -52.58 -31.62 -3.13
CA PHE B 15 -52.47 -31.77 -4.58
C PHE B 15 -52.62 -33.20 -5.07
N ILE B 16 -52.63 -34.18 -4.16
CA ILE B 16 -52.63 -35.58 -4.55
C ILE B 16 -53.83 -36.31 -3.94
N PRO B 27 -53.30 -38.30 -11.99
CA PRO B 27 -52.27 -39.33 -11.92
C PRO B 27 -51.19 -39.09 -10.85
N GLY B 28 -51.52 -38.31 -9.82
CA GLY B 28 -50.54 -38.02 -8.79
C GLY B 28 -50.24 -39.21 -7.89
N GLN B 29 -51.26 -40.03 -7.60
CA GLN B 29 -51.03 -41.23 -6.82
C GLN B 29 -50.33 -42.32 -7.63
N ASN B 30 -50.48 -42.32 -8.96
CA ASN B 30 -49.84 -43.30 -9.83
C ASN B 30 -48.32 -43.21 -9.83
N ILE B 31 -47.75 -42.06 -9.49
CA ILE B 31 -46.30 -41.91 -9.49
C ILE B 31 -45.70 -42.12 -8.11
N GLU B 32 -46.52 -42.48 -7.11
CA GLU B 32 -46.06 -42.59 -5.73
C GLU B 32 -44.89 -43.56 -5.63
N ASP B 33 -45.04 -44.77 -6.18
CA ASP B 33 -44.02 -45.81 -6.07
C ASP B 33 -42.72 -45.39 -6.74
N PHE B 34 -42.81 -44.84 -7.95
CA PHE B 34 -41.62 -44.37 -8.64
C PHE B 34 -40.89 -43.32 -7.82
N ILE B 35 -41.63 -42.36 -7.26
CA ILE B 35 -40.99 -41.30 -6.48
C ILE B 35 -40.29 -41.89 -5.27
N VAL B 36 -40.97 -42.81 -4.56
CA VAL B 36 -40.37 -43.43 -3.39
C VAL B 36 -39.08 -44.15 -3.78
N SER B 37 -39.08 -44.82 -4.93
CA SER B 37 -37.86 -45.50 -5.37
C SER B 37 -36.76 -44.51 -5.73
N ARG B 38 -37.11 -43.35 -6.31
CA ARG B 38 -36.06 -42.36 -6.57
C ARG B 38 -35.53 -41.77 -5.28
N ILE B 39 -36.41 -41.54 -4.29
CA ILE B 39 -35.93 -41.07 -3.00
C ILE B 39 -34.97 -42.09 -2.39
N ASN B 40 -35.34 -43.37 -2.45
CA ASN B 40 -34.47 -44.43 -1.92
C ASN B 40 -33.17 -44.51 -2.72
N ASP B 41 -33.26 -44.36 -4.06
CA ASP B 41 -32.07 -44.41 -4.90
C ASP B 41 -31.06 -43.31 -4.52
N PHE B 42 -31.52 -42.08 -4.26
CA PHE B 42 -30.60 -41.00 -3.88
C PHE B 42 -30.10 -41.17 -2.45
N ASN B 43 -30.97 -41.63 -1.55
CA ASN B 43 -30.55 -41.89 -0.18
C ASN B 43 -29.58 -43.06 -0.11
N TYR B 44 -29.70 -44.02 -1.05
CA TYR B 44 -28.80 -45.16 -1.22
C TYR B 44 -27.36 -44.74 -1.49
N TYR B 45 -27.10 -43.45 -1.79
CA TYR B 45 -25.75 -42.91 -2.01
C TYR B 45 -25.46 -41.69 -1.13
N GLN B 46 -26.33 -41.36 -0.17
CA GLN B 46 -26.23 -40.13 0.60
C GLN B 46 -26.32 -38.87 -0.28
N ASP B 47 -26.89 -38.98 -1.47
CA ASP B 47 -27.12 -37.80 -2.29
C ASP B 47 -28.25 -36.95 -1.70
N HIS B 48 -28.28 -35.68 -2.10
CA HIS B 48 -29.14 -34.70 -1.46
C HIS B 48 -30.54 -34.70 -2.05
N ILE B 49 -31.54 -34.61 -1.17
CA ILE B 49 -32.96 -34.66 -1.56
C ILE B 49 -33.64 -33.42 -1.01
N PHE B 50 -34.32 -32.69 -1.89
CA PHE B 50 -35.02 -31.47 -1.51
C PHE B 50 -36.51 -31.67 -1.70
N PHE B 51 -37.25 -31.63 -0.59
CA PHE B 51 -38.71 -31.59 -0.62
C PHE B 51 -39.16 -30.14 -0.67
N LEU B 52 -39.79 -29.76 -1.78
CA LEU B 52 -40.22 -28.38 -2.01
C LEU B 52 -41.75 -28.31 -1.91
N MET B 53 -42.25 -27.49 -0.97
CA MET B 53 -43.68 -27.43 -0.67
C MET B 53 -44.24 -26.01 -0.65
N ASP B 54 -45.36 -25.83 -1.34
CA ASP B 54 -46.04 -24.54 -1.36
C ASP B 54 -46.55 -24.20 0.04
N LEU B 55 -46.48 -22.92 0.37
CA LEU B 55 -46.79 -22.50 1.73
C LEU B 55 -47.84 -21.40 1.73
N ASN B 73 -52.95 -24.86 0.64
CA ASN B 73 -51.83 -25.44 1.38
C ASN B 73 -51.49 -24.62 2.61
N ILE B 74 -52.41 -24.63 3.58
CA ILE B 74 -52.28 -23.79 4.77
C ILE B 74 -51.10 -24.25 5.61
N VAL B 75 -50.36 -23.29 6.18
CA VAL B 75 -49.34 -23.63 7.16
C VAL B 75 -50.03 -24.35 8.31
N ASP B 76 -49.32 -25.33 8.90
CA ASP B 76 -49.74 -25.91 10.17
C ASP B 76 -51.04 -26.71 10.00
N THR B 77 -51.20 -27.37 8.85
CA THR B 77 -52.38 -28.17 8.57
C THR B 77 -51.97 -29.52 7.99
N SER B 78 -52.93 -30.45 7.98
CA SER B 78 -52.66 -31.81 7.52
C SER B 78 -52.71 -31.94 6.00
N GLY B 79 -53.36 -31.01 5.30
CA GLY B 79 -53.34 -31.03 3.84
C GLY B 79 -52.00 -30.66 3.24
N ARG B 80 -51.11 -30.08 4.05
CA ARG B 80 -49.81 -29.61 3.62
C ARG B 80 -48.70 -30.63 3.83
N GLU B 81 -49.01 -31.78 4.41
CA GLU B 81 -48.01 -32.82 4.60
C GLU B 81 -47.75 -33.54 3.29
N LEU B 82 -46.53 -34.07 3.16
CA LEU B 82 -46.24 -34.98 2.07
C LEU B 82 -47.20 -36.15 2.09
N TYR B 83 -47.60 -36.61 0.91
CA TYR B 83 -48.68 -37.56 0.78
C TYR B 83 -48.16 -38.99 0.84
N GLY B 84 -48.96 -39.87 1.45
CA GLY B 84 -48.85 -41.30 1.25
C GLY B 84 -47.51 -41.86 1.64
N LYS B 85 -47.00 -42.79 0.80
CA LYS B 85 -45.74 -43.46 1.11
C LYS B 85 -44.55 -42.51 1.06
N VAL B 86 -44.61 -41.49 0.20
CA VAL B 86 -43.55 -40.49 0.18
C VAL B 86 -43.49 -39.77 1.52
N GLY B 87 -44.65 -39.36 2.04
CA GLY B 87 -44.68 -38.75 3.36
C GLY B 87 -44.09 -39.67 4.43
N LYS B 88 -44.43 -40.96 4.38
CA LYS B 88 -43.91 -41.89 5.38
C LYS B 88 -42.39 -41.99 5.29
N LEU B 89 -41.85 -42.10 4.08
CA LEU B 89 -40.41 -42.19 3.92
C LEU B 89 -39.73 -40.91 4.39
N TYR B 90 -40.29 -39.75 4.06
CA TYR B 90 -39.72 -38.50 4.54
C TYR B 90 -39.59 -38.50 6.07
N GLU B 91 -40.64 -38.94 6.76
CA GLU B 91 -40.61 -38.95 8.22
C GLU B 91 -39.47 -39.81 8.75
N THR B 92 -39.07 -40.82 7.97
CA THR B 92 -38.02 -41.75 8.35
C THR B 92 -36.62 -41.19 8.13
N ILE B 93 -36.45 -40.15 7.31
CA ILE B 93 -35.11 -39.69 6.95
C ILE B 93 -34.95 -38.20 7.19
N LYS B 94 -35.96 -37.56 7.77
CA LYS B 94 -36.00 -36.10 7.79
C LYS B 94 -34.86 -35.46 8.58
N ALA B 95 -34.28 -36.17 9.54
CA ALA B 95 -33.22 -35.58 10.35
C ALA B 95 -31.83 -35.72 9.73
N GLN B 96 -31.70 -36.53 8.68
CA GLN B 96 -30.41 -36.80 8.08
C GLN B 96 -29.86 -35.56 7.37
N PRO B 97 -28.52 -35.45 7.25
CA PRO B 97 -27.93 -34.24 6.68
C PRO B 97 -28.08 -34.13 5.16
N ASN B 98 -28.55 -35.18 4.48
CA ASN B 98 -28.75 -35.11 3.04
C ASN B 98 -30.21 -34.84 2.65
N VAL B 99 -31.05 -34.42 3.59
CA VAL B 99 -32.49 -34.29 3.38
C VAL B 99 -32.92 -32.88 3.79
N HIS B 100 -33.65 -32.20 2.90
CA HIS B 100 -33.96 -30.80 3.07
C HIS B 100 -35.43 -30.56 2.74
N PHE B 101 -36.06 -29.70 3.53
CA PHE B 101 -37.45 -29.30 3.33
C PHE B 101 -37.45 -27.80 3.14
N ILE B 102 -38.00 -27.35 2.01
CA ILE B 102 -37.95 -25.93 1.64
C ILE B 102 -39.38 -25.46 1.36
N ASP B 103 -39.80 -24.40 2.08
CA ASP B 103 -41.10 -23.77 1.85
C ASP B 103 -40.97 -22.75 0.72
N LYS B 104 -41.92 -22.78 -0.22
CA LYS B 104 -41.87 -21.84 -1.34
C LYS B 104 -43.18 -21.07 -1.43
N THR B 105 -43.11 -19.86 -2.02
CA THR B 105 -44.27 -18.97 -2.11
C THR B 105 -44.83 -18.85 -3.52
N ARG B 106 -44.13 -19.37 -4.53
CA ARG B 106 -44.61 -19.38 -5.91
C ARG B 106 -44.42 -20.79 -6.46
N TYR B 107 -44.94 -21.01 -7.68
CA TYR B 107 -44.81 -22.32 -8.29
C TYR B 107 -43.34 -22.73 -8.41
N ASP B 108 -42.49 -21.79 -8.84
CA ASP B 108 -41.05 -22.01 -9.06
C ASP B 108 -40.34 -22.27 -7.73
N SER B 109 -39.83 -23.48 -7.55
CA SER B 109 -39.06 -23.85 -6.36
C SER B 109 -37.85 -22.95 -6.08
N PHE B 110 -37.29 -22.27 -7.09
CA PHE B 110 -36.13 -21.40 -6.85
C PHE B 110 -36.49 -19.99 -6.42
N PHE B 111 -37.73 -19.58 -6.62
CA PHE B 111 -38.08 -18.18 -6.45
C PHE B 111 -38.22 -17.86 -4.98
N GLY B 112 -37.43 -16.90 -4.50
CA GLY B 112 -37.49 -16.53 -3.11
C GLY B 112 -37.03 -17.58 -2.11
N THR B 113 -36.39 -18.66 -2.58
CA THR B 113 -35.87 -19.69 -1.68
C THR B 113 -34.36 -19.71 -1.73
N PRO B 114 -33.70 -20.35 -0.77
CA PRO B 114 -32.25 -20.52 -0.90
C PRO B 114 -31.85 -21.77 -1.66
N LEU B 115 -32.73 -22.30 -2.52
CA LEU B 115 -32.45 -23.59 -3.16
C LEU B 115 -31.17 -23.53 -3.98
N ASP B 116 -31.04 -22.52 -4.84
CA ASP B 116 -29.83 -22.42 -5.66
C ASP B 116 -28.58 -22.39 -4.78
N SER B 117 -28.58 -21.55 -3.74
CA SER B 117 -27.40 -21.42 -2.90
C SER B 117 -27.09 -22.73 -2.17
N LEU B 118 -28.11 -23.51 -1.82
CA LEU B 118 -27.88 -24.78 -1.15
C LEU B 118 -27.31 -25.81 -2.10
N LEU B 119 -27.76 -25.78 -3.37
CA LEU B 119 -27.21 -26.69 -4.37
C LEU B 119 -25.74 -26.37 -4.67
N ARG B 120 -25.40 -25.08 -4.73
CA ARG B 120 -24.02 -24.71 -5.03
C ARG B 120 -23.10 -25.02 -3.84
N GLU B 121 -23.56 -24.78 -2.60
CA GLU B 121 -22.78 -25.18 -1.43
C GLU B 121 -22.30 -26.63 -1.54
N ARG B 122 -23.12 -27.50 -2.11
CA ARG B 122 -22.90 -28.94 -2.12
C ARG B 122 -22.36 -29.45 -3.45
N SER B 123 -21.87 -28.54 -4.31
CA SER B 123 -21.27 -28.89 -5.59
C SER B 123 -22.21 -29.71 -6.46
N ILE B 124 -23.49 -29.33 -6.50
CA ILE B 124 -24.48 -29.99 -7.34
C ILE B 124 -24.55 -29.26 -8.67
N ASN B 125 -24.46 -29.99 -9.77
CA ASN B 125 -24.72 -29.38 -11.07
C ASN B 125 -25.76 -30.14 -11.88
N GLN B 126 -26.52 -31.02 -11.24
CA GLN B 126 -27.40 -31.97 -11.89
C GLN B 126 -28.62 -32.12 -10.98
N VAL B 127 -29.83 -31.89 -11.50
CA VAL B 127 -31.04 -32.10 -10.70
C VAL B 127 -31.98 -33.05 -11.42
N GLU B 128 -32.57 -33.96 -10.67
CA GLU B 128 -33.71 -34.73 -11.10
C GLU B 128 -34.95 -34.14 -10.44
N ILE B 129 -36.00 -33.94 -11.24
CA ILE B 129 -37.21 -33.26 -10.78
C ILE B 129 -38.38 -34.22 -10.89
N VAL B 130 -39.08 -34.43 -9.78
CA VAL B 130 -40.28 -35.24 -9.73
C VAL B 130 -41.33 -34.50 -8.92
N GLY B 131 -42.56 -35.00 -8.99
CA GLY B 131 -43.66 -34.35 -8.32
C GLY B 131 -44.70 -33.82 -9.30
N VAL B 132 -45.41 -32.77 -8.89
CA VAL B 132 -46.57 -32.27 -9.63
C VAL B 132 -46.60 -30.75 -9.50
N CYS B 133 -47.31 -30.06 -10.42
CA CYS B 133 -47.88 -30.63 -11.66
C CYS B 133 -46.86 -30.40 -12.77
N THR B 134 -46.87 -31.30 -13.77
CA THR B 134 -45.86 -31.27 -14.84
C THR B 134 -45.74 -29.88 -15.45
N ASP B 135 -46.87 -29.27 -15.79
CA ASP B 135 -46.87 -28.02 -16.54
C ASP B 135 -47.10 -26.81 -15.66
N ILE B 136 -46.93 -26.93 -14.34
CA ILE B 136 -46.97 -25.74 -13.50
C ILE B 136 -45.74 -25.70 -12.59
N CYS B 137 -45.84 -26.23 -11.37
CA CYS B 137 -44.71 -26.15 -10.44
C CYS B 137 -43.47 -26.84 -10.99
N VAL B 138 -43.63 -28.00 -11.65
CA VAL B 138 -42.46 -28.68 -12.21
C VAL B 138 -41.88 -27.86 -13.35
N LEU B 139 -42.74 -27.35 -14.24
CA LEU B 139 -42.28 -26.55 -15.35
C LEU B 139 -41.54 -25.30 -14.88
N HIS B 140 -42.14 -24.55 -13.96
CA HIS B 140 -41.50 -23.32 -13.50
C HIS B 140 -40.19 -23.62 -12.80
N THR B 141 -40.16 -24.71 -12.00
CA THR B 141 -38.93 -25.13 -11.37
C THR B 141 -37.90 -25.55 -12.41
N ALA B 142 -38.32 -26.29 -13.44
CA ALA B 142 -37.40 -26.71 -14.50
C ALA B 142 -36.81 -25.52 -15.26
N ILE B 143 -37.63 -24.49 -15.55
CA ILE B 143 -37.15 -23.32 -16.28
C ILE B 143 -36.09 -22.58 -15.47
N SER B 144 -36.34 -22.40 -14.16
CA SER B 144 -35.34 -21.76 -13.33
C SER B 144 -34.06 -22.59 -13.27
N ALA B 145 -34.20 -23.91 -13.08
CA ALA B 145 -33.06 -24.82 -13.15
C ALA B 145 -32.27 -24.63 -14.44
N TYR B 146 -32.99 -24.57 -15.56
CA TYR B 146 -32.36 -24.41 -16.87
C TYR B 146 -31.60 -23.09 -16.96
N ASN B 147 -32.26 -21.98 -16.62
CA ASN B 147 -31.62 -20.66 -16.66
C ASN B 147 -30.38 -20.61 -15.79
N LEU B 148 -30.41 -21.30 -14.65
CA LEU B 148 -29.32 -21.27 -13.70
C LEU B 148 -28.18 -22.25 -14.04
N GLY B 149 -28.22 -22.89 -15.20
CA GLY B 149 -27.11 -23.72 -15.64
C GLY B 149 -27.10 -25.15 -15.13
N TYR B 150 -28.15 -25.62 -14.47
CA TYR B 150 -28.16 -27.00 -14.02
C TYR B 150 -28.45 -27.94 -15.20
N LYS B 151 -27.86 -29.13 -15.15
CA LYS B 151 -28.32 -30.21 -16.00
C LYS B 151 -29.59 -30.80 -15.40
N ILE B 152 -30.56 -31.15 -16.26
CA ILE B 152 -31.92 -31.45 -15.82
C ILE B 152 -32.32 -32.83 -16.31
N SER B 153 -32.87 -33.65 -15.42
CA SER B 153 -33.60 -34.82 -15.86
C SER B 153 -34.98 -34.78 -15.23
N VAL B 154 -35.99 -35.02 -16.05
CA VAL B 154 -37.37 -35.10 -15.59
C VAL B 154 -37.92 -36.42 -16.12
N PRO B 155 -37.82 -37.52 -15.37
CA PRO B 155 -38.37 -38.79 -15.86
C PRO B 155 -39.89 -38.71 -16.01
N ALA B 156 -40.38 -39.26 -17.13
CA ALA B 156 -41.81 -39.21 -17.39
C ALA B 156 -42.60 -39.97 -16.33
N GLU B 157 -42.00 -41.01 -15.74
CA GLU B 157 -42.72 -41.82 -14.76
C GLU B 157 -42.84 -41.13 -13.40
N GLY B 158 -42.11 -40.04 -13.19
CA GLY B 158 -42.13 -39.40 -11.88
C GLY B 158 -42.83 -38.05 -11.81
N VAL B 159 -43.45 -37.59 -12.89
CA VAL B 159 -44.22 -36.35 -12.86
C VAL B 159 -45.65 -36.62 -13.34
N ALA B 160 -46.57 -35.75 -12.93
CA ALA B 160 -47.96 -35.88 -13.36
C ALA B 160 -48.65 -34.53 -13.31
N SER B 161 -49.75 -34.43 -14.05
CA SER B 161 -50.49 -33.18 -14.15
C SER B 161 -51.98 -33.50 -14.16
N PHE B 162 -52.80 -32.46 -13.95
CA PHE B 162 -54.24 -32.67 -13.96
C PHE B 162 -54.80 -32.88 -15.35
N ASN B 163 -54.00 -32.64 -16.38
CA ASN B 163 -54.49 -32.65 -17.74
C ASN B 163 -53.43 -33.29 -18.64
N GLN B 164 -53.90 -34.12 -19.58
CA GLN B 164 -52.99 -34.82 -20.48
C GLN B 164 -52.25 -33.86 -21.40
N LYS B 165 -52.94 -32.85 -21.94
CA LYS B 165 -52.31 -31.99 -22.93
C LYS B 165 -51.19 -31.15 -22.32
N GLY B 166 -51.35 -30.73 -21.06
CA GLY B 166 -50.28 -29.99 -20.40
C GLY B 166 -49.10 -30.89 -20.07
N HIS B 167 -49.38 -32.07 -19.52
CA HIS B 167 -48.36 -33.05 -19.23
C HIS B 167 -47.49 -33.33 -20.45
N GLU B 168 -48.12 -33.67 -21.58
CA GLU B 168 -47.38 -34.01 -22.79
C GLU B 168 -46.67 -32.79 -23.37
N TRP B 169 -47.33 -31.61 -23.37
CA TRP B 169 -46.64 -30.41 -23.82
C TRP B 169 -45.39 -30.14 -22.98
N ALA B 170 -45.49 -30.31 -21.66
CA ALA B 170 -44.37 -29.96 -20.79
C ALA B 170 -43.20 -30.93 -20.95
N LEU B 171 -43.47 -32.23 -21.01
CA LEU B 171 -42.39 -33.19 -21.24
C LEU B 171 -41.64 -32.90 -22.54
N ALA B 172 -42.37 -32.53 -23.61
CA ALA B 172 -41.70 -32.14 -24.84
C ALA B 172 -40.90 -30.84 -24.65
N HIS B 173 -41.49 -29.86 -23.95
CA HIS B 173 -40.77 -28.62 -23.69
C HIS B 173 -39.47 -28.90 -22.95
N PHE B 174 -39.52 -29.76 -21.93
CA PHE B 174 -38.31 -30.08 -21.17
C PHE B 174 -37.22 -30.61 -22.08
N LYS B 175 -37.60 -31.46 -23.04
CA LYS B 175 -36.63 -32.13 -23.87
C LYS B 175 -36.09 -31.21 -24.96
N ASN B 176 -36.98 -30.51 -25.66
CA ASN B 176 -36.60 -29.76 -26.86
C ASN B 176 -36.12 -28.34 -26.58
N SER B 177 -36.60 -27.71 -25.51
CA SER B 177 -36.18 -26.36 -25.16
C SER B 177 -35.22 -26.29 -24.01
N LEU B 178 -35.37 -27.14 -23.00
CA LEU B 178 -34.52 -27.08 -21.82
C LEU B 178 -33.36 -28.06 -21.90
N GLY B 179 -33.27 -28.85 -22.97
CA GLY B 179 -32.23 -29.84 -23.10
C GLY B 179 -32.22 -30.86 -21.98
N ALA B 180 -33.39 -31.21 -21.45
CA ALA B 180 -33.46 -32.17 -20.37
C ALA B 180 -33.40 -33.60 -20.90
N GLU B 181 -33.04 -34.50 -20.02
CA GLU B 181 -33.25 -35.92 -20.24
C GLU B 181 -34.64 -36.29 -19.74
N VAL B 182 -35.48 -36.74 -20.65
CA VAL B 182 -36.87 -37.08 -20.31
C VAL B 182 -37.09 -38.55 -20.65
N GLU B 183 -36.54 -39.44 -19.83
CA GLU B 183 -36.61 -40.86 -20.12
C GLU B 183 -38.04 -41.36 -19.91
N GLN B 184 -38.55 -42.10 -20.91
CA GLN B 184 -39.90 -42.64 -20.80
C GLN B 184 -39.95 -43.82 -19.83
N HIS B 185 -38.88 -44.61 -19.80
CA HIS B 185 -38.82 -45.80 -18.95
C HIS B 185 -37.49 -45.85 -18.22
N VAL B 186 -37.54 -46.19 -16.95
CA VAL B 186 -36.34 -46.45 -16.17
C VAL B 186 -36.33 -47.91 -15.74
N MET C 1 -11.92 -28.04 -6.80
CA MET C 1 -10.78 -27.62 -7.60
C MET C 1 -11.02 -26.22 -8.15
N THR C 2 -9.99 -25.38 -8.12
CA THR C 2 -10.16 -23.97 -8.43
C THR C 2 -10.12 -23.71 -9.92
N HIS C 3 -11.13 -22.97 -10.40
CA HIS C 3 -11.16 -22.41 -11.75
C HIS C 3 -11.51 -20.93 -11.61
N ARG C 4 -10.62 -20.06 -12.07
CA ARG C 4 -10.66 -18.67 -11.66
C ARG C 4 -10.91 -17.76 -12.86
N ALA C 5 -11.48 -16.59 -12.57
CA ALA C 5 -11.69 -15.53 -13.53
C ALA C 5 -11.25 -14.21 -12.92
N LEU C 6 -10.92 -13.26 -13.78
CA LEU C 6 -10.51 -11.93 -13.35
C LEU C 6 -11.64 -10.95 -13.64
N LEU C 7 -12.05 -10.21 -12.60
CA LEU C 7 -13.05 -9.15 -12.70
C LEU C 7 -12.35 -7.80 -12.62
N VAL C 8 -12.35 -7.04 -13.72
CA VAL C 8 -11.70 -5.75 -13.77
C VAL C 8 -12.79 -4.69 -13.75
N VAL C 9 -12.98 -4.04 -12.59
CA VAL C 9 -14.18 -3.24 -12.31
C VAL C 9 -13.90 -1.76 -12.53
N ASP C 10 -14.59 -1.19 -13.53
CA ASP C 10 -14.72 0.26 -13.70
C ASP C 10 -13.38 0.98 -13.83
N TYR C 11 -12.43 0.39 -14.56
CA TYR C 11 -11.12 1.03 -14.75
C TYR C 11 -11.13 1.93 -15.99
N SER C 12 -12.00 2.93 -15.96
CA SER C 12 -12.19 3.82 -17.09
C SER C 12 -11.47 5.15 -16.89
N TYR C 13 -11.42 5.90 -17.99
CA TYR C 13 -10.82 7.23 -17.98
C TYR C 13 -11.48 8.15 -16.96
N ASP C 14 -12.82 8.18 -16.92
CA ASP C 14 -13.49 9.15 -16.07
C ASP C 14 -13.36 8.85 -14.58
N PHE C 15 -13.08 7.60 -14.20
CA PHE C 15 -12.81 7.29 -12.80
C PHE C 15 -11.34 7.45 -12.40
N ILE C 16 -10.41 7.44 -13.38
CA ILE C 16 -8.99 7.28 -13.09
C ILE C 16 -8.18 8.49 -13.52
N ALA C 17 -8.49 9.09 -14.66
CA ALA C 17 -7.68 10.18 -15.19
C ALA C 17 -7.74 11.41 -14.29
N ASP C 18 -6.65 12.18 -14.28
CA ASP C 18 -6.63 13.44 -13.54
C ASP C 18 -7.77 14.35 -14.00
N ASP C 19 -8.09 14.32 -15.29
CA ASP C 19 -9.14 15.14 -15.88
C ASP C 19 -10.51 14.46 -15.87
N GLY C 20 -10.61 13.25 -15.31
CA GLY C 20 -11.85 12.52 -15.41
C GLY C 20 -12.99 13.17 -14.64
N LEU C 21 -14.20 12.97 -15.15
CA LEU C 21 -15.37 13.66 -14.62
C LEU C 21 -15.70 13.26 -13.18
N LEU C 22 -15.28 12.07 -12.74
CA LEU C 22 -15.54 11.64 -11.38
C LEU C 22 -14.35 10.84 -10.82
N THR C 23 -13.18 11.48 -10.79
CA THR C 23 -12.00 10.85 -10.20
C THR C 23 -12.02 11.01 -8.69
N PRO C 27 -5.86 7.79 -6.99
CA PRO C 27 -5.06 6.67 -6.47
C PRO C 27 -5.30 5.41 -7.29
N GLY C 28 -6.27 5.49 -8.20
CA GLY C 28 -6.48 4.43 -9.18
C GLY C 28 -5.40 4.39 -10.25
N GLN C 29 -4.71 5.52 -10.47
CA GLN C 29 -3.57 5.52 -11.38
C GLN C 29 -2.44 4.64 -10.85
N ASN C 30 -2.26 4.57 -9.54
CA ASN C 30 -1.13 3.84 -8.96
C ASN C 30 -1.28 2.33 -9.03
N ILE C 31 -2.47 1.80 -9.32
CA ILE C 31 -2.67 0.36 -9.43
C ILE C 31 -2.63 -0.13 -10.87
N GLU C 32 -2.35 0.77 -11.83
CA GLU C 32 -2.41 0.42 -13.24
C GLU C 32 -1.49 -0.76 -13.57
N ASP C 33 -0.20 -0.67 -13.23
CA ASP C 33 0.73 -1.72 -13.60
C ASP C 33 0.38 -3.05 -12.95
N PHE C 34 -0.17 -3.02 -11.74
CA PHE C 34 -0.54 -4.26 -11.08
C PHE C 34 -1.73 -4.91 -11.79
N ILE C 35 -2.70 -4.09 -12.25
CA ILE C 35 -3.82 -4.61 -13.00
C ILE C 35 -3.33 -5.20 -14.33
N VAL C 36 -2.40 -4.52 -14.99
CA VAL C 36 -1.82 -5.07 -16.21
C VAL C 36 -1.19 -6.44 -15.96
N SER C 37 -0.41 -6.56 -14.87
CA SER C 37 0.24 -7.86 -14.64
C SER C 37 -0.80 -8.95 -14.35
N ARG C 38 -1.87 -8.62 -13.63
CA ARG C 38 -2.90 -9.62 -13.37
C ARG C 38 -3.56 -10.05 -14.66
N ILE C 39 -3.92 -9.09 -15.51
CA ILE C 39 -4.53 -9.44 -16.79
C ILE C 39 -3.59 -10.33 -17.59
N ASN C 40 -2.31 -9.98 -17.62
CA ASN C 40 -1.31 -10.80 -18.31
C ASN C 40 -1.23 -12.19 -17.70
N ASP C 41 -1.26 -12.28 -16.37
CA ASP C 41 -1.14 -13.58 -15.72
C ASP C 41 -2.33 -14.49 -16.06
N PHE C 42 -3.56 -13.97 -15.96
CA PHE C 42 -4.73 -14.76 -16.34
C PHE C 42 -4.69 -15.10 -17.82
N ASN C 43 -4.26 -14.15 -18.65
CA ASN C 43 -4.25 -14.36 -20.09
C ASN C 43 -3.24 -15.42 -20.49
N TYR C 44 -2.13 -15.53 -19.75
CA TYR C 44 -1.13 -16.53 -20.08
C TYR C 44 -1.74 -17.93 -20.06
N TYR C 45 -2.64 -18.19 -19.11
CA TYR C 45 -3.33 -19.47 -18.99
C TYR C 45 -4.61 -19.56 -19.79
N GLN C 46 -4.99 -18.51 -20.51
CA GLN C 46 -6.32 -18.40 -21.13
C GLN C 46 -7.44 -18.47 -20.08
N ASP C 47 -7.15 -18.09 -18.84
CA ASP C 47 -8.23 -17.88 -17.88
C ASP C 47 -9.10 -16.70 -18.32
N HIS C 48 -10.39 -16.76 -17.99
CA HIS C 48 -11.33 -15.73 -18.45
C HIS C 48 -11.15 -14.41 -17.71
N ILE C 49 -11.28 -13.32 -18.47
CA ILE C 49 -11.14 -11.96 -17.96
C ILE C 49 -12.37 -11.17 -18.34
N PHE C 50 -13.03 -10.57 -17.34
CA PHE C 50 -14.26 -9.79 -17.53
C PHE C 50 -14.00 -8.32 -17.19
N PHE C 51 -14.16 -7.44 -18.16
CA PHE C 51 -14.08 -6.00 -17.97
C PHE C 51 -15.49 -5.46 -17.73
N LEU C 52 -15.73 -4.89 -16.56
CA LEU C 52 -17.06 -4.47 -16.14
C LEU C 52 -17.10 -2.95 -16.02
N MET C 53 -17.97 -2.32 -16.81
CA MET C 53 -17.97 -0.88 -17.03
C MET C 53 -19.36 -0.30 -16.90
N ASP C 54 -19.49 0.78 -16.13
CA ASP C 54 -20.76 1.52 -16.02
C ASP C 54 -21.22 2.03 -17.38
N LEU C 55 -22.54 1.97 -17.60
CA LEU C 55 -23.12 2.41 -18.87
C LEU C 55 -23.35 3.92 -18.89
N HIS C 56 -24.23 4.41 -18.04
CA HIS C 56 -24.47 5.86 -17.85
C HIS C 56 -24.67 6.65 -19.14
N GLU C 81 -14.16 4.51 -21.53
CA GLU C 81 -13.09 3.73 -22.13
C GLU C 81 -12.00 3.40 -21.11
N LEU C 82 -11.39 2.23 -21.27
CA LEU C 82 -10.45 1.74 -20.28
C LEU C 82 -9.24 2.65 -20.22
N TYR C 83 -8.75 2.88 -19.00
CA TYR C 83 -7.69 3.86 -18.79
C TYR C 83 -6.32 3.30 -19.16
N GLY C 84 -5.53 4.14 -19.82
CA GLY C 84 -4.07 3.96 -19.88
C GLY C 84 -3.62 2.63 -20.44
N LYS C 85 -2.69 1.99 -19.72
CA LYS C 85 -2.08 0.76 -20.21
C LYS C 85 -3.05 -0.41 -20.16
N VAL C 86 -4.06 -0.34 -19.29
CA VAL C 86 -5.12 -1.34 -19.29
C VAL C 86 -5.93 -1.25 -20.60
N GLY C 87 -6.28 -0.03 -21.00
CA GLY C 87 -7.00 0.12 -22.26
C GLY C 87 -6.19 -0.35 -23.46
N LYS C 88 -4.91 0.00 -23.49
CA LYS C 88 -4.07 -0.43 -24.61
C LYS C 88 -3.95 -1.95 -24.65
N LEU C 89 -3.76 -2.58 -23.50
CA LEU C 89 -3.73 -4.04 -23.46
C LEU C 89 -5.05 -4.65 -23.92
N TYR C 90 -6.17 -4.07 -23.49
CA TYR C 90 -7.49 -4.57 -23.91
C TYR C 90 -7.64 -4.54 -25.42
N GLU C 91 -7.15 -3.48 -26.07
CA GLU C 91 -7.29 -3.37 -27.52
C GLU C 91 -6.66 -4.56 -28.24
N THR C 92 -5.60 -5.15 -27.68
CA THR C 92 -4.94 -6.26 -28.36
C THR C 92 -5.55 -7.62 -28.05
N ILE C 93 -6.29 -7.76 -26.95
CA ILE C 93 -6.82 -9.06 -26.56
C ILE C 93 -8.33 -9.15 -26.68
N LYS C 94 -9.00 -8.09 -27.14
CA LYS C 94 -10.45 -8.00 -26.99
C LYS C 94 -11.21 -9.03 -27.82
N ALA C 95 -10.62 -9.57 -28.88
CA ALA C 95 -11.30 -10.55 -29.71
C ALA C 95 -11.10 -11.98 -29.23
N GLN C 96 -10.37 -12.17 -28.15
CA GLN C 96 -10.12 -13.55 -27.73
C GLN C 96 -11.34 -14.14 -27.03
N PRO C 97 -11.53 -15.46 -27.14
CA PRO C 97 -12.69 -16.09 -26.48
C PRO C 97 -12.66 -16.02 -24.95
N ASN C 98 -11.50 -15.76 -24.32
CA ASN C 98 -11.40 -15.64 -22.88
C ASN C 98 -11.52 -14.19 -22.37
N VAL C 99 -11.89 -13.25 -23.23
CA VAL C 99 -11.98 -11.83 -22.87
C VAL C 99 -13.41 -11.36 -23.09
N HIS C 100 -13.96 -10.66 -22.09
CA HIS C 100 -15.37 -10.29 -22.08
C HIS C 100 -15.54 -8.86 -21.61
N PHE C 101 -16.44 -8.14 -22.26
CA PHE C 101 -16.77 -6.76 -21.90
C PHE C 101 -18.25 -6.71 -21.50
N ILE C 102 -18.53 -6.25 -20.29
CA ILE C 102 -19.88 -6.27 -19.75
C ILE C 102 -20.26 -4.86 -19.31
N ASP C 103 -21.39 -4.35 -19.82
CA ASP C 103 -21.93 -3.09 -19.34
C ASP C 103 -22.79 -3.31 -18.11
N LYS C 104 -22.70 -2.41 -17.15
CA LYS C 104 -23.51 -2.55 -15.94
C LYS C 104 -24.19 -1.22 -15.63
N THR C 105 -25.35 -1.32 -14.96
CA THR C 105 -26.16 -0.14 -14.67
C THR C 105 -26.10 0.27 -13.20
N ARG C 106 -25.59 -0.57 -12.30
CA ARG C 106 -25.40 -0.22 -10.89
C ARG C 106 -23.95 -0.48 -10.50
N TYR C 107 -23.60 -0.13 -9.26
CA TYR C 107 -22.25 -0.40 -8.75
C TYR C 107 -21.90 -1.87 -8.85
N ASP C 108 -22.84 -2.74 -8.48
CA ASP C 108 -22.62 -4.17 -8.40
C ASP C 108 -22.50 -4.75 -9.81
N SER C 109 -21.36 -5.40 -10.09
CA SER C 109 -21.09 -5.98 -11.41
C SER C 109 -22.05 -7.10 -11.78
N PHE C 110 -22.66 -7.75 -10.77
CA PHE C 110 -23.61 -8.83 -11.01
C PHE C 110 -25.05 -8.35 -11.22
N PHE C 111 -25.37 -7.10 -10.88
CA PHE C 111 -26.77 -6.69 -10.86
C PHE C 111 -27.26 -6.35 -12.27
N GLY C 112 -28.29 -7.06 -12.72
CA GLY C 112 -28.85 -6.80 -14.03
C GLY C 112 -27.98 -7.23 -15.19
N THR C 113 -26.94 -8.04 -14.97
CA THR C 113 -26.00 -8.47 -16.00
C THR C 113 -25.97 -9.99 -16.07
N PRO C 114 -25.44 -10.57 -17.16
CA PRO C 114 -25.33 -12.03 -17.20
C PRO C 114 -24.06 -12.56 -16.56
N LEU C 115 -23.38 -11.76 -15.72
CA LEU C 115 -22.06 -12.12 -15.20
C LEU C 115 -22.07 -13.51 -14.55
N ASP C 116 -22.98 -13.72 -13.59
CA ASP C 116 -23.05 -15.03 -12.91
C ASP C 116 -23.29 -16.16 -13.91
N SER C 117 -24.16 -15.95 -14.91
CA SER C 117 -24.42 -17.03 -15.87
C SER C 117 -23.19 -17.30 -16.73
N LEU C 118 -22.44 -16.26 -17.10
CA LEU C 118 -21.22 -16.45 -17.88
C LEU C 118 -20.16 -17.22 -17.08
N LEU C 119 -20.02 -16.89 -15.80
CA LEU C 119 -19.07 -17.60 -14.94
C LEU C 119 -19.47 -19.05 -14.74
N ARG C 120 -20.76 -19.29 -14.45
CA ARG C 120 -21.22 -20.67 -14.27
C ARG C 120 -21.04 -21.49 -15.53
N GLU C 121 -21.30 -20.89 -16.69
CA GLU C 121 -21.14 -21.59 -17.98
C GLU C 121 -19.72 -22.12 -18.17
N ARG C 122 -18.73 -21.45 -17.59
CA ARG C 122 -17.32 -21.79 -17.74
C ARG C 122 -16.78 -22.53 -16.52
N SER C 123 -17.66 -23.00 -15.63
CA SER C 123 -17.24 -23.75 -14.44
C SER C 123 -16.31 -22.92 -13.55
N ILE C 124 -16.48 -21.61 -13.54
CA ILE C 124 -15.70 -20.73 -12.66
C ILE C 124 -16.25 -20.84 -11.25
N ASN C 125 -15.36 -20.95 -10.27
CA ASN C 125 -15.76 -20.98 -8.87
C ASN C 125 -14.94 -20.01 -8.03
N GLN C 126 -14.08 -19.20 -8.64
CA GLN C 126 -13.24 -18.27 -7.89
C GLN C 126 -13.04 -17.02 -8.72
N VAL C 127 -13.17 -15.85 -8.10
CA VAL C 127 -12.98 -14.61 -8.84
C VAL C 127 -11.93 -13.77 -8.12
N GLU C 128 -11.13 -13.08 -8.91
CA GLU C 128 -10.19 -12.10 -8.42
C GLU C 128 -10.73 -10.77 -8.86
N ILE C 129 -10.82 -9.81 -7.94
CA ILE C 129 -11.47 -8.53 -8.23
C ILE C 129 -10.44 -7.43 -8.11
N VAL C 130 -10.31 -6.63 -9.17
CA VAL C 130 -9.40 -5.50 -9.19
C VAL C 130 -10.15 -4.32 -9.80
N GLY C 131 -9.68 -3.11 -9.47
CA GLY C 131 -10.25 -1.90 -10.00
C GLY C 131 -10.70 -0.98 -8.89
N VAL C 132 -11.70 -0.15 -9.21
CA VAL C 132 -12.10 0.94 -8.31
C VAL C 132 -13.63 1.01 -8.25
N CYS C 133 -14.17 1.62 -7.17
CA CYS C 133 -13.45 1.98 -5.94
C CYS C 133 -13.57 0.84 -4.95
N THR C 134 -12.57 0.67 -4.09
CA THR C 134 -12.54 -0.43 -3.13
C THR C 134 -13.86 -0.56 -2.36
N ASP C 135 -14.36 0.57 -1.85
CA ASP C 135 -15.50 0.57 -0.95
C ASP C 135 -16.81 0.91 -1.67
N ILE C 136 -16.84 0.87 -3.00
CA ILE C 136 -18.12 1.08 -3.68
C ILE C 136 -18.34 -0.04 -4.69
N CYS C 137 -17.94 0.14 -5.96
CA CYS C 137 -18.21 -0.89 -6.96
C CYS C 137 -17.49 -2.20 -6.68
N VAL C 138 -16.29 -2.15 -6.10
CA VAL C 138 -15.61 -3.39 -5.78
C VAL C 138 -16.32 -4.10 -4.64
N LEU C 139 -16.68 -3.33 -3.61
CA LEU C 139 -17.41 -3.85 -2.45
C LEU C 139 -18.70 -4.53 -2.86
N HIS C 140 -19.56 -3.82 -3.61
CA HIS C 140 -20.85 -4.39 -4.01
C HIS C 140 -20.64 -5.60 -4.91
N THR C 141 -19.73 -5.50 -5.86
CA THR C 141 -19.39 -6.67 -6.68
C THR C 141 -18.95 -7.84 -5.81
N ALA C 142 -18.10 -7.58 -4.82
CA ALA C 142 -17.57 -8.65 -3.96
C ALA C 142 -18.66 -9.26 -3.09
N ILE C 143 -19.57 -8.44 -2.55
CA ILE C 143 -20.66 -8.97 -1.73
C ILE C 143 -21.52 -9.94 -2.55
N SER C 144 -21.83 -9.58 -3.79
CA SER C 144 -22.65 -10.44 -4.65
C SER C 144 -21.91 -11.74 -4.99
N ALA C 145 -20.61 -11.65 -5.31
CA ALA C 145 -19.83 -12.86 -5.56
C ALA C 145 -19.84 -13.76 -4.33
N TYR C 146 -19.76 -13.18 -3.14
CA TYR C 146 -19.80 -13.95 -1.90
C TYR C 146 -21.15 -14.66 -1.74
N ASN C 147 -22.24 -13.90 -1.89
CA ASN C 147 -23.58 -14.49 -1.76
C ASN C 147 -23.78 -15.60 -2.77
N LEU C 148 -23.27 -15.45 -3.99
CA LEU C 148 -23.42 -16.45 -5.04
C LEU C 148 -22.46 -17.62 -4.89
N GLY C 149 -21.67 -17.65 -3.81
CA GLY C 149 -20.82 -18.78 -3.49
C GLY C 149 -19.46 -18.83 -4.14
N TYR C 150 -19.00 -17.74 -4.76
CA TYR C 150 -17.65 -17.72 -5.28
C TYR C 150 -16.63 -17.59 -4.16
N LYS C 151 -15.48 -18.23 -4.36
CA LYS C 151 -14.27 -17.90 -3.60
C LYS C 151 -13.71 -16.59 -4.14
N ILE C 152 -13.25 -15.72 -3.27
CA ILE C 152 -12.95 -14.35 -3.65
C ILE C 152 -11.50 -14.02 -3.32
N SER C 153 -10.85 -13.32 -4.23
CA SER C 153 -9.54 -12.75 -3.97
C SER C 153 -9.60 -11.27 -4.34
N VAL C 154 -9.25 -10.40 -3.40
CA VAL C 154 -9.16 -8.97 -3.66
C VAL C 154 -7.77 -8.53 -3.22
N PRO C 155 -6.78 -8.58 -4.11
CA PRO C 155 -5.42 -8.17 -3.74
C PRO C 155 -5.38 -6.67 -3.42
N ALA C 156 -4.80 -6.34 -2.25
CA ALA C 156 -4.77 -4.95 -1.81
C ALA C 156 -4.08 -4.05 -2.81
N GLU C 157 -3.11 -4.58 -3.58
CA GLU C 157 -2.40 -3.80 -4.59
C GLU C 157 -3.22 -3.56 -5.85
N GLY C 158 -4.36 -4.23 -6.02
CA GLY C 158 -5.15 -4.10 -7.23
C GLY C 158 -6.44 -3.32 -7.10
N VAL C 159 -6.69 -2.67 -5.95
CA VAL C 159 -7.90 -1.88 -5.79
C VAL C 159 -7.51 -0.55 -5.14
N ALA C 160 -8.26 0.50 -5.46
CA ALA C 160 -8.00 1.80 -4.88
C ALA C 160 -9.33 2.54 -4.67
N SER C 161 -9.27 3.57 -3.83
CA SER C 161 -10.41 4.43 -3.57
C SER C 161 -9.89 5.77 -3.05
N PHE C 162 -10.59 6.85 -3.43
CA PHE C 162 -10.31 8.16 -2.84
C PHE C 162 -10.35 8.09 -1.32
N ASN C 163 -11.41 7.51 -0.78
CA ASN C 163 -11.61 7.42 0.65
C ASN C 163 -10.65 6.38 1.23
N GLN C 164 -9.50 6.82 1.75
CA GLN C 164 -8.55 5.87 2.33
C GLN C 164 -9.12 5.16 3.54
N LYS C 165 -10.03 5.81 4.28
CA LYS C 165 -10.69 5.13 5.39
C LYS C 165 -11.60 4.02 4.87
N GLY C 166 -12.33 4.28 3.77
CA GLY C 166 -13.19 3.26 3.20
C GLY C 166 -12.41 2.12 2.57
N HIS C 167 -11.28 2.45 1.92
CA HIS C 167 -10.40 1.42 1.39
C HIS C 167 -9.97 0.45 2.48
N GLU C 168 -9.46 0.99 3.59
CA GLU C 168 -9.02 0.15 4.71
C GLU C 168 -10.18 -0.62 5.33
N TRP C 169 -11.32 0.05 5.55
CA TRP C 169 -12.49 -0.65 6.05
C TRP C 169 -12.88 -1.79 5.11
N ALA C 170 -12.94 -1.51 3.81
CA ALA C 170 -13.45 -2.50 2.85
C ALA C 170 -12.54 -3.72 2.77
N LEU C 171 -11.22 -3.49 2.81
CA LEU C 171 -10.27 -4.60 2.77
C LEU C 171 -10.46 -5.53 3.96
N ALA C 172 -10.58 -4.97 5.17
CA ALA C 172 -10.85 -5.82 6.32
C ALA C 172 -12.19 -6.53 6.19
N HIS C 173 -13.19 -5.87 5.59
CA HIS C 173 -14.51 -6.50 5.40
C HIS C 173 -14.40 -7.75 4.54
N PHE C 174 -13.64 -7.66 3.43
CA PHE C 174 -13.44 -8.81 2.53
C PHE C 174 -12.86 -10.00 3.28
N LYS C 175 -11.82 -9.75 4.06
CA LYS C 175 -11.14 -10.81 4.82
C LYS C 175 -12.04 -11.38 5.91
N ASN C 176 -12.65 -10.51 6.72
CA ASN C 176 -13.33 -10.94 7.94
C ASN C 176 -14.79 -11.31 7.75
N SER C 177 -15.53 -10.65 6.86
CA SER C 177 -16.92 -11.05 6.63
C SER C 177 -17.11 -11.91 5.38
N LEU C 178 -16.35 -11.67 4.32
CA LEU C 178 -16.56 -12.39 3.06
C LEU C 178 -15.59 -13.53 2.85
N GLY C 179 -14.71 -13.83 3.82
CA GLY C 179 -13.79 -14.96 3.69
C GLY C 179 -12.87 -14.85 2.50
N ALA C 180 -12.52 -13.65 2.10
CA ALA C 180 -11.69 -13.47 0.93
C ALA C 180 -10.21 -13.63 1.27
N GLU C 181 -9.42 -13.93 0.23
CA GLU C 181 -7.98 -13.78 0.27
C GLU C 181 -7.64 -12.33 -0.08
N VAL C 182 -7.04 -11.62 0.87
CA VAL C 182 -6.58 -10.24 0.67
C VAL C 182 -5.07 -10.26 0.88
N GLU C 183 -4.33 -10.22 -0.22
CA GLU C 183 -2.87 -10.34 -0.16
C GLU C 183 -2.20 -8.97 -0.22
N MET D 1 -45.02 8.28 -4.63
CA MET D 1 -45.68 8.47 -3.33
C MET D 1 -45.21 7.41 -2.32
N THR D 2 -44.91 7.87 -1.10
CA THR D 2 -44.23 7.08 -0.08
C THR D 2 -45.11 5.98 0.51
N HIS D 3 -44.69 4.71 0.34
CA HIS D 3 -45.32 3.56 0.97
C HIS D 3 -44.22 2.73 1.64
N ARG D 4 -44.25 2.64 2.97
CA ARG D 4 -43.03 2.34 3.71
C ARG D 4 -43.17 1.08 4.56
N ALA D 5 -42.04 0.43 4.80
CA ALA D 5 -41.98 -0.73 5.68
C ALA D 5 -40.70 -0.66 6.49
N LEU D 6 -40.73 -1.30 7.66
CA LEU D 6 -39.59 -1.29 8.56
C LEU D 6 -38.93 -2.65 8.53
N LEU D 7 -37.62 -2.69 8.33
CA LEU D 7 -36.85 -3.93 8.36
C LEU D 7 -36.03 -3.96 9.65
N VAL D 8 -36.32 -4.91 10.52
CA VAL D 8 -35.60 -5.08 11.77
C VAL D 8 -34.59 -6.22 11.59
N VAL D 9 -33.30 -5.89 11.50
CA VAL D 9 -32.28 -6.83 11.03
C VAL D 9 -31.55 -7.45 12.23
N ASP D 10 -31.74 -8.75 12.40
CA ASP D 10 -30.90 -9.59 13.27
C ASP D 10 -30.83 -9.10 14.71
N TYR D 11 -31.97 -8.65 15.26
CA TYR D 11 -31.99 -8.15 16.64
C TYR D 11 -32.29 -9.30 17.61
N SER D 12 -31.34 -10.23 17.68
CA SER D 12 -31.55 -11.46 18.42
C SER D 12 -30.73 -11.47 19.71
N TYR D 13 -31.19 -12.28 20.67
CA TYR D 13 -30.46 -12.43 21.93
C TYR D 13 -29.01 -12.85 21.68
N ASP D 14 -28.80 -13.78 20.74
CA ASP D 14 -27.45 -14.27 20.49
C ASP D 14 -26.53 -13.20 19.94
N PHE D 15 -27.06 -12.20 19.24
CA PHE D 15 -26.24 -11.10 18.74
C PHE D 15 -26.07 -9.99 19.75
N ILE D 16 -27.03 -9.80 20.66
CA ILE D 16 -27.16 -8.55 21.41
C ILE D 16 -26.76 -8.71 22.87
N ALA D 17 -27.14 -9.81 23.51
CA ALA D 17 -26.88 -9.96 24.94
C ALA D 17 -25.40 -10.21 25.21
N ASP D 18 -24.98 -9.88 26.43
CA ASP D 18 -23.58 -10.08 26.81
C ASP D 18 -23.22 -11.55 26.95
N ASP D 19 -24.22 -12.41 27.15
CA ASP D 19 -23.98 -13.84 27.21
C ASP D 19 -24.00 -14.47 25.82
N CYS D 24 -20.06 -8.45 18.43
CA CYS D 24 -20.12 -7.45 17.36
C CYS D 24 -21.46 -6.68 17.38
N GLY D 25 -22.53 -7.36 17.75
CA GLY D 25 -23.80 -6.68 17.90
C GLY D 25 -24.05 -6.19 19.31
N LYS D 26 -23.05 -6.24 20.20
CA LYS D 26 -23.29 -5.90 21.60
C LYS D 26 -23.74 -4.46 21.83
N PRO D 27 -23.19 -3.43 21.16
CA PRO D 27 -23.80 -2.10 21.25
C PRO D 27 -25.22 -2.04 20.72
N GLY D 28 -25.74 -3.14 20.17
CA GLY D 28 -27.16 -3.21 19.87
C GLY D 28 -28.03 -3.04 21.09
N GLN D 29 -27.46 -3.24 22.29
CA GLN D 29 -28.19 -2.90 23.51
C GLN D 29 -28.57 -1.42 23.52
N ASN D 30 -27.73 -0.57 22.97
CA ASN D 30 -27.98 0.86 23.06
C ASN D 30 -29.30 1.27 22.40
N ILE D 31 -29.69 0.53 21.36
CA ILE D 31 -30.71 1.01 20.44
C ILE D 31 -32.07 0.38 20.69
N GLU D 32 -32.18 -0.48 21.70
CA GLU D 32 -33.43 -1.14 22.07
C GLU D 32 -34.63 -0.19 22.06
N ASP D 33 -34.54 0.92 22.80
CA ASP D 33 -35.68 1.80 22.97
C ASP D 33 -36.06 2.47 21.67
N PHE D 34 -35.06 2.88 20.87
CA PHE D 34 -35.36 3.53 19.61
C PHE D 34 -36.00 2.55 18.63
N ILE D 35 -35.52 1.30 18.60
CA ILE D 35 -36.17 0.31 17.73
C ILE D 35 -37.62 0.12 18.14
N VAL D 36 -37.88 0.02 19.45
CA VAL D 36 -39.26 -0.15 19.92
C VAL D 36 -40.12 1.02 19.46
N SER D 37 -39.59 2.24 19.52
CA SER D 37 -40.41 3.38 19.13
C SER D 37 -40.68 3.39 17.63
N ARG D 38 -39.73 2.89 16.82
CA ARG D 38 -39.97 2.79 15.38
C ARG D 38 -41.07 1.79 15.08
N ILE D 39 -41.01 0.61 15.73
CA ILE D 39 -42.03 -0.41 15.54
C ILE D 39 -43.41 0.13 15.92
N ASN D 40 -43.49 0.79 17.08
CA ASN D 40 -44.75 1.36 17.53
C ASN D 40 -45.27 2.40 16.54
N ASP D 41 -44.37 3.20 15.96
CA ASP D 41 -44.81 4.24 15.04
C ASP D 41 -45.32 3.66 13.72
N PHE D 42 -44.67 2.61 13.21
CA PHE D 42 -45.14 1.96 11.99
C PHE D 42 -46.46 1.26 12.27
N ASN D 43 -46.55 0.60 13.41
CA ASN D 43 -47.74 -0.17 13.74
C ASN D 43 -48.94 0.75 13.99
N TYR D 44 -48.70 1.99 14.43
CA TYR D 44 -49.80 2.95 14.57
C TYR D 44 -50.51 3.16 13.25
N TYR D 45 -49.75 3.21 12.14
CA TYR D 45 -50.35 3.38 10.83
C TYR D 45 -50.69 2.06 10.16
N GLN D 46 -50.47 0.93 10.84
CA GLN D 46 -50.59 -0.39 10.23
C GLN D 46 -49.61 -0.57 9.06
N ASP D 47 -48.48 0.14 9.09
CA ASP D 47 -47.40 -0.13 8.13
C ASP D 47 -46.73 -1.48 8.42
N HIS D 48 -46.18 -2.09 7.37
CA HIS D 48 -45.65 -3.44 7.51
C HIS D 48 -44.29 -3.43 8.20
N ILE D 49 -44.09 -4.42 9.07
CA ILE D 49 -42.87 -4.58 9.87
C ILE D 49 -42.34 -5.98 9.62
N PHE D 50 -41.06 -6.07 9.22
CA PHE D 50 -40.40 -7.33 8.91
C PHE D 50 -39.25 -7.56 9.87
N PHE D 51 -39.32 -8.65 10.61
CA PHE D 51 -38.23 -9.11 11.45
C PHE D 51 -37.41 -10.13 10.68
N LEU D 52 -36.16 -9.78 10.37
CA LEU D 52 -35.26 -10.62 9.60
C LEU D 52 -34.20 -11.23 10.50
N MET D 53 -34.08 -12.56 10.48
CA MET D 53 -33.31 -13.28 11.49
C MET D 53 -32.48 -14.38 10.86
N ASP D 54 -31.18 -14.39 11.17
CA ASP D 54 -30.26 -15.40 10.66
C ASP D 54 -30.66 -16.79 11.15
N LEU D 55 -30.60 -17.77 10.26
CA LEU D 55 -31.15 -19.11 10.49
C LEU D 55 -30.07 -20.16 10.71
N HIS D 56 -29.08 -19.86 11.54
CA HIS D 56 -27.98 -20.80 11.74
C HIS D 56 -28.29 -21.84 12.82
N GLU D 81 -34.44 -15.81 18.99
CA GLU D 81 -35.43 -15.03 19.76
C GLU D 81 -35.00 -13.57 19.86
N LEU D 82 -35.96 -12.65 19.76
CA LEU D 82 -35.64 -11.23 19.68
C LEU D 82 -35.26 -10.68 21.05
N TYR D 83 -34.29 -9.78 21.05
CA TYR D 83 -33.73 -9.27 22.30
C TYR D 83 -34.69 -8.33 23.04
N GLY D 84 -34.72 -8.49 24.37
CA GLY D 84 -35.26 -7.47 25.27
C GLY D 84 -36.66 -6.99 24.95
N LYS D 85 -36.84 -5.67 25.06
CA LYS D 85 -38.15 -5.04 24.85
C LYS D 85 -38.66 -5.26 23.43
N VAL D 86 -37.77 -5.38 22.44
CA VAL D 86 -38.22 -5.70 21.09
C VAL D 86 -38.83 -7.09 21.06
N GLY D 87 -38.22 -8.03 21.79
CA GLY D 87 -38.83 -9.35 21.91
C GLY D 87 -40.18 -9.34 22.60
N LYS D 88 -40.35 -8.51 23.63
CA LYS D 88 -41.63 -8.47 24.31
C LYS D 88 -42.67 -7.72 23.49
N LEU D 89 -42.25 -6.70 22.73
CA LEU D 89 -43.18 -6.05 21.83
C LEU D 89 -43.64 -7.01 20.73
N TYR D 90 -42.73 -7.87 20.24
CA TYR D 90 -43.05 -8.77 19.13
C TYR D 90 -44.15 -9.74 19.51
N GLU D 91 -44.19 -10.18 20.77
CA GLU D 91 -45.17 -11.18 21.15
C GLU D 91 -46.57 -10.62 21.16
N THR D 92 -46.73 -9.32 21.45
CA THR D 92 -48.06 -8.73 21.46
C THR D 92 -48.57 -8.36 20.07
N ILE D 93 -47.72 -8.37 19.04
CA ILE D 93 -48.11 -7.96 17.69
C ILE D 93 -47.86 -9.04 16.65
N LYS D 94 -47.29 -10.18 17.03
CA LYS D 94 -46.75 -11.14 16.07
C LYS D 94 -47.81 -11.74 15.16
N ALA D 95 -49.07 -11.75 15.56
CA ALA D 95 -50.13 -12.36 14.77
C ALA D 95 -50.81 -11.39 13.82
N GLN D 96 -50.53 -10.09 13.91
CA GLN D 96 -51.21 -9.11 13.10
C GLN D 96 -50.83 -9.23 11.63
N PRO D 97 -51.71 -8.79 10.72
CA PRO D 97 -51.40 -8.93 9.30
C PRO D 97 -50.21 -8.08 8.83
N ASN D 98 -49.86 -7.02 9.55
CA ASN D 98 -48.77 -6.15 9.12
C ASN D 98 -47.41 -6.54 9.71
N VAL D 99 -47.32 -7.72 10.34
CA VAL D 99 -46.11 -8.14 11.03
C VAL D 99 -45.63 -9.43 10.40
N HIS D 100 -44.33 -9.50 10.07
CA HIS D 100 -43.76 -10.62 9.33
C HIS D 100 -42.43 -11.02 9.95
N PHE D 101 -42.12 -12.30 9.86
CA PHE D 101 -40.89 -12.88 10.39
C PHE D 101 -40.28 -13.72 9.29
N ILE D 102 -39.07 -13.38 8.88
CA ILE D 102 -38.39 -14.03 7.76
C ILE D 102 -37.05 -14.57 8.24
N ASP D 103 -36.79 -15.84 7.94
CA ASP D 103 -35.49 -16.48 8.16
C ASP D 103 -34.58 -16.21 6.98
N LYS D 104 -33.32 -15.90 7.26
CA LYS D 104 -32.35 -15.66 6.21
C LYS D 104 -31.10 -16.48 6.44
N THR D 105 -30.34 -16.71 5.37
CA THR D 105 -29.16 -17.56 5.45
C THR D 105 -27.86 -16.81 5.20
N ARG D 106 -27.92 -15.59 4.66
CA ARG D 106 -26.74 -14.76 4.47
C ARG D 106 -26.97 -13.45 5.20
N TYR D 107 -25.92 -12.60 5.23
CA TYR D 107 -26.06 -11.32 5.90
C TYR D 107 -27.19 -10.49 5.28
N ASP D 108 -27.32 -10.57 3.95
CA ASP D 108 -28.28 -9.79 3.18
C ASP D 108 -29.69 -10.34 3.41
N SER D 109 -30.58 -9.49 3.94
CA SER D 109 -31.96 -9.90 4.20
C SER D 109 -32.71 -10.33 2.92
N PHE D 110 -32.31 -9.83 1.76
CA PHE D 110 -32.97 -10.15 0.51
C PHE D 110 -32.47 -11.44 -0.14
N PHE D 111 -31.33 -11.97 0.28
CA PHE D 111 -30.72 -13.08 -0.44
C PHE D 111 -31.39 -14.39 -0.09
N GLY D 112 -31.95 -15.07 -1.09
CA GLY D 112 -32.57 -16.36 -0.84
C GLY D 112 -33.84 -16.33 0.00
N THR D 113 -34.46 -15.16 0.18
CA THR D 113 -35.71 -14.98 0.90
C THR D 113 -36.78 -14.41 -0.02
N PRO D 114 -38.06 -14.48 0.39
CA PRO D 114 -39.12 -13.80 -0.38
C PRO D 114 -39.32 -12.33 -0.03
N LEU D 115 -38.34 -11.68 0.60
CA LEU D 115 -38.55 -10.31 1.11
C LEU D 115 -38.95 -9.35 0.00
N ASP D 116 -38.20 -9.31 -1.11
CA ASP D 116 -38.54 -8.38 -2.18
C ASP D 116 -39.97 -8.64 -2.69
N SER D 117 -40.38 -9.90 -2.82
CA SER D 117 -41.71 -10.14 -3.37
C SER D 117 -42.81 -9.85 -2.35
N LEU D 118 -42.52 -9.96 -1.07
CA LEU D 118 -43.48 -9.58 -0.05
C LEU D 118 -43.67 -8.07 -0.02
N LEU D 119 -42.58 -7.33 -0.22
CA LEU D 119 -42.67 -5.87 -0.32
C LEU D 119 -43.45 -5.48 -1.55
N ARG D 120 -43.17 -6.12 -2.69
CA ARG D 120 -43.85 -5.76 -3.94
C ARG D 120 -45.35 -6.05 -3.88
N GLU D 121 -45.73 -7.17 -3.26
CA GLU D 121 -47.15 -7.52 -3.07
C GLU D 121 -47.92 -6.41 -2.39
N ARG D 122 -47.26 -5.63 -1.54
CA ARG D 122 -47.88 -4.61 -0.72
C ARG D 122 -47.57 -3.21 -1.22
N SER D 123 -47.05 -3.08 -2.44
CA SER D 123 -46.77 -1.79 -3.06
C SER D 123 -45.84 -0.93 -2.20
N ILE D 124 -44.93 -1.57 -1.47
CA ILE D 124 -43.95 -0.85 -0.67
C ILE D 124 -42.86 -0.30 -1.59
N ASN D 125 -42.48 0.96 -1.40
CA ASN D 125 -41.36 1.47 -2.17
C ASN D 125 -40.32 2.17 -1.30
N GLN D 126 -40.48 2.15 0.01
CA GLN D 126 -39.49 2.75 0.90
C GLN D 126 -39.29 1.84 2.09
N VAL D 127 -38.03 1.62 2.46
CA VAL D 127 -37.76 0.77 3.60
C VAL D 127 -36.90 1.56 4.59
N GLU D 128 -37.23 1.41 5.86
CA GLU D 128 -36.42 1.92 6.95
C GLU D 128 -35.75 0.72 7.57
N ILE D 129 -34.41 0.79 7.75
CA ILE D 129 -33.63 -0.34 8.22
C ILE D 129 -33.05 -0.01 9.59
N VAL D 130 -33.31 -0.87 10.57
CA VAL D 130 -32.76 -0.76 11.90
C VAL D 130 -32.21 -2.12 12.29
N GLY D 131 -31.30 -2.15 13.26
CA GLY D 131 -30.78 -3.41 13.75
C GLY D 131 -29.25 -3.40 13.76
N VAL D 132 -28.65 -4.60 13.71
CA VAL D 132 -27.20 -4.77 13.73
C VAL D 132 -26.80 -5.82 12.69
N CYS D 133 -25.53 -5.77 12.23
CA CYS D 133 -24.56 -4.70 12.51
C CYS D 133 -24.57 -3.73 11.36
N THR D 134 -24.28 -2.46 11.67
CA THR D 134 -24.33 -1.39 10.69
C THR D 134 -23.54 -1.72 9.43
N ASP D 135 -22.33 -2.23 9.60
CA ASP D 135 -21.45 -2.44 8.46
C ASP D 135 -21.42 -3.89 7.99
N ILE D 136 -22.39 -4.71 8.41
CA ILE D 136 -22.48 -6.07 7.89
C ILE D 136 -23.91 -6.37 7.42
N CYS D 137 -24.75 -6.93 8.30
CA CYS D 137 -26.11 -7.29 7.87
C CYS D 137 -26.90 -6.07 7.41
N VAL D 138 -26.81 -4.96 8.14
CA VAL D 138 -27.50 -3.74 7.68
C VAL D 138 -26.95 -3.27 6.35
N LEU D 139 -25.61 -3.31 6.20
CA LEU D 139 -25.01 -2.84 4.95
C LEU D 139 -25.42 -3.70 3.75
N HIS D 140 -25.36 -5.03 3.89
CA HIS D 140 -25.71 -5.89 2.76
C HIS D 140 -27.18 -5.78 2.40
N THR D 141 -28.05 -5.64 3.42
CA THR D 141 -29.48 -5.47 3.18
C THR D 141 -29.76 -4.14 2.49
N ALA D 142 -29.10 -3.07 2.93
CA ALA D 142 -29.28 -1.74 2.33
C ALA D 142 -28.85 -1.72 0.87
N ILE D 143 -27.73 -2.38 0.54
CA ILE D 143 -27.27 -2.40 -0.85
C ILE D 143 -28.27 -3.13 -1.73
N SER D 144 -28.74 -4.29 -1.27
CA SER D 144 -29.77 -5.00 -2.04
C SER D 144 -31.01 -4.14 -2.23
N ALA D 145 -31.48 -3.50 -1.14
CA ALA D 145 -32.64 -2.62 -1.24
C ALA D 145 -32.37 -1.52 -2.26
N TYR D 146 -31.18 -0.92 -2.22
CA TYR D 146 -30.84 0.12 -3.17
C TYR D 146 -30.91 -0.41 -4.60
N ASN D 147 -30.25 -1.56 -4.86
CA ASN D 147 -30.25 -2.14 -6.21
C ASN D 147 -31.67 -2.41 -6.72
N LEU D 148 -32.53 -2.93 -5.85
CA LEU D 148 -33.93 -3.21 -6.18
C LEU D 148 -34.80 -1.97 -6.30
N GLY D 149 -34.24 -0.77 -6.14
CA GLY D 149 -34.98 0.46 -6.37
C GLY D 149 -35.83 0.95 -5.20
N TYR D 150 -35.58 0.48 -3.99
CA TYR D 150 -36.29 1.01 -2.84
C TYR D 150 -35.63 2.29 -2.36
N LYS D 151 -36.44 3.27 -1.94
CA LYS D 151 -35.91 4.38 -1.16
C LYS D 151 -35.53 3.86 0.21
N ILE D 152 -34.47 4.39 0.79
CA ILE D 152 -33.90 3.83 2.01
C ILE D 152 -33.78 4.92 3.06
N SER D 153 -34.10 4.54 4.29
CA SER D 153 -33.83 5.36 5.45
C SER D 153 -33.14 4.46 6.46
N VAL D 154 -31.99 4.91 6.97
CA VAL D 154 -31.26 4.21 8.03
C VAL D 154 -30.98 5.21 9.13
N PRO D 155 -31.86 5.36 10.12
CA PRO D 155 -31.62 6.37 11.16
C PRO D 155 -30.40 6.00 11.99
N ALA D 156 -29.56 7.00 12.28
CA ALA D 156 -28.30 6.72 12.96
C ALA D 156 -28.54 6.10 14.33
N GLU D 157 -29.64 6.49 14.99
CA GLU D 157 -29.96 5.97 16.32
C GLU D 157 -30.55 4.57 16.30
N GLY D 158 -30.86 4.03 15.11
CA GLY D 158 -31.46 2.72 15.01
C GLY D 158 -30.55 1.57 14.60
N VAL D 159 -29.24 1.81 14.45
CA VAL D 159 -28.30 0.78 14.04
C VAL D 159 -27.05 0.88 14.90
N ALA D 160 -26.39 -0.26 15.13
CA ALA D 160 -25.16 -0.26 15.91
C ALA D 160 -24.17 -1.27 15.33
N SER D 161 -22.88 -1.03 15.61
CA SER D 161 -21.79 -1.95 15.33
C SER D 161 -20.70 -1.75 16.38
N PHE D 162 -20.17 -2.86 16.92
CA PHE D 162 -18.98 -2.76 17.77
C PHE D 162 -17.80 -2.14 17.02
N ASN D 163 -17.78 -2.23 15.70
CA ASN D 163 -16.74 -1.61 14.89
C ASN D 163 -17.17 -0.16 14.62
N GLN D 164 -16.69 0.76 15.45
CA GLN D 164 -17.13 2.15 15.32
C GLN D 164 -16.67 2.76 14.02
N LYS D 165 -15.45 2.41 13.56
CA LYS D 165 -15.00 2.85 12.25
C LYS D 165 -15.96 2.39 11.16
N GLY D 166 -16.34 1.12 11.19
CA GLY D 166 -17.27 0.61 10.19
C GLY D 166 -18.64 1.24 10.30
N HIS D 167 -19.12 1.43 11.53
CA HIS D 167 -20.38 2.12 11.74
C HIS D 167 -20.38 3.46 11.04
N GLU D 168 -19.32 4.25 11.25
CA GLU D 168 -19.26 5.59 10.68
C GLU D 168 -19.07 5.54 9.18
N TRP D 169 -18.24 4.60 8.70
CA TRP D 169 -18.11 4.41 7.26
C TRP D 169 -19.45 4.03 6.65
N ALA D 170 -20.16 3.09 7.27
CA ALA D 170 -21.40 2.59 6.66
C ALA D 170 -22.48 3.67 6.60
N LEU D 171 -22.62 4.49 7.64
CA LEU D 171 -23.65 5.53 7.57
C LEU D 171 -23.37 6.53 6.45
N ALA D 172 -22.09 6.83 6.20
CA ALA D 172 -21.75 7.74 5.10
C ALA D 172 -22.00 7.09 3.75
N HIS D 173 -21.69 5.79 3.64
CA HIS D 173 -22.00 5.04 2.42
C HIS D 173 -23.49 5.09 2.08
N PHE D 174 -24.35 4.81 3.07
CA PHE D 174 -25.80 4.88 2.86
C PHE D 174 -26.19 6.22 2.29
N LYS D 175 -25.72 7.29 2.91
CA LYS D 175 -26.09 8.63 2.49
C LYS D 175 -25.44 8.97 1.15
N ASN D 176 -24.14 8.71 1.03
CA ASN D 176 -23.40 9.21 -0.13
C ASN D 176 -23.60 8.32 -1.37
N SER D 177 -23.60 7.00 -1.20
CA SER D 177 -23.70 6.11 -2.35
C SER D 177 -25.08 5.52 -2.57
N LEU D 178 -25.83 5.23 -1.50
CA LEU D 178 -27.14 4.63 -1.66
C LEU D 178 -28.27 5.65 -1.67
N GLY D 179 -27.96 6.95 -1.60
CA GLY D 179 -29.00 7.96 -1.61
C GLY D 179 -29.92 7.92 -0.40
N ALA D 180 -29.45 7.42 0.73
CA ALA D 180 -30.31 7.17 1.87
C ALA D 180 -30.52 8.45 2.70
N GLU D 181 -31.65 8.49 3.40
CA GLU D 181 -31.86 9.46 4.46
C GLU D 181 -31.23 8.92 5.75
N VAL D 182 -30.28 9.66 6.30
CA VAL D 182 -29.57 9.24 7.52
C VAL D 182 -29.68 10.32 8.61
N MET E 1 7.39 24.06 -1.75
CA MET E 1 8.50 24.15 -2.71
C MET E 1 9.53 25.22 -2.32
N THR E 2 9.51 25.63 -1.06
CA THR E 2 10.54 26.50 -0.52
C THR E 2 11.68 25.66 0.04
N HIS E 3 12.87 26.25 0.10
CA HIS E 3 14.02 25.60 0.72
C HIS E 3 14.32 24.24 0.07
N ARG E 4 14.27 24.19 -1.27
CA ARG E 4 14.39 22.93 -1.98
C ARG E 4 15.57 22.99 -2.95
N ALA E 5 16.12 21.82 -3.26
CA ALA E 5 17.22 21.75 -4.20
C ALA E 5 17.06 20.50 -5.07
N LEU E 6 17.55 20.58 -6.29
CA LEU E 6 17.52 19.43 -7.20
C LEU E 6 18.91 18.82 -7.29
N LEU E 7 18.98 17.51 -7.09
CA LEU E 7 20.21 16.74 -7.24
C LEU E 7 20.07 15.87 -8.48
N VAL E 8 20.90 16.14 -9.48
CA VAL E 8 20.90 15.39 -10.73
C VAL E 8 22.12 14.46 -10.70
N VAL E 9 21.88 13.16 -10.54
CA VAL E 9 22.92 12.20 -10.15
C VAL E 9 23.36 11.44 -11.39
N ASP E 10 24.59 11.71 -11.83
CA ASP E 10 25.34 10.84 -12.73
C ASP E 10 24.68 10.64 -14.08
N TYR E 11 24.13 11.71 -14.64
CA TYR E 11 23.38 11.57 -15.88
C TYR E 11 24.31 11.79 -17.07
N SER E 12 25.27 10.88 -17.23
CA SER E 12 26.34 11.04 -18.22
C SER E 12 26.16 10.10 -19.40
N TYR E 13 26.81 10.47 -20.51
CA TYR E 13 26.84 9.63 -21.70
C TYR E 13 27.26 8.20 -21.37
N ASP E 14 28.33 8.06 -20.57
CA ASP E 14 28.84 6.73 -20.21
C ASP E 14 27.78 5.89 -19.50
N PHE E 15 26.92 6.51 -18.68
CA PHE E 15 25.83 5.80 -18.02
C PHE E 15 24.55 5.77 -18.82
N ILE E 16 24.38 6.69 -19.77
CA ILE E 16 23.19 6.77 -20.61
C ILE E 16 23.67 6.49 -22.03
N ALA E 17 23.62 5.22 -22.45
CA ALA E 17 24.29 4.81 -23.69
C ALA E 17 23.33 4.63 -24.87
N PRO E 27 16.48 2.48 -18.65
CA PRO E 27 15.63 3.50 -19.26
C PRO E 27 16.09 4.93 -18.94
N GLY E 28 17.42 5.12 -18.93
CA GLY E 28 18.00 6.43 -18.66
C GLY E 28 17.75 7.45 -19.75
N GLN E 29 17.47 7.00 -20.98
CA GLN E 29 17.08 7.92 -22.04
C GLN E 29 15.61 8.33 -21.92
N ASN E 30 14.73 7.42 -21.48
CA ASN E 30 13.30 7.76 -21.37
C ASN E 30 13.01 8.74 -20.24
N ILE E 31 13.93 8.92 -19.28
CA ILE E 31 13.70 9.92 -18.23
C ILE E 31 14.25 11.29 -18.59
N GLU E 32 14.90 11.41 -19.75
CA GLU E 32 15.56 12.66 -20.14
C GLU E 32 14.59 13.85 -20.08
N ASP E 33 13.42 13.73 -20.73
CA ASP E 33 12.48 14.85 -20.79
C ASP E 33 12.01 15.23 -19.40
N PHE E 34 11.65 14.24 -18.57
CA PHE E 34 11.23 14.54 -17.21
C PHE E 34 12.32 15.31 -16.44
N ILE E 35 13.58 14.88 -16.58
CA ILE E 35 14.66 15.56 -15.87
C ILE E 35 14.81 16.99 -16.39
N VAL E 36 14.82 17.15 -17.72
CA VAL E 36 14.95 18.49 -18.30
C VAL E 36 13.84 19.39 -17.76
N SER E 37 12.62 18.86 -17.63
CA SER E 37 11.52 19.66 -17.09
C SER E 37 11.66 19.92 -15.59
N ARG E 38 12.27 19.01 -14.83
CA ARG E 38 12.52 19.34 -13.42
C ARG E 38 13.62 20.37 -13.31
N ILE E 39 14.66 20.28 -14.14
CA ILE E 39 15.68 21.32 -14.14
C ILE E 39 15.06 22.67 -14.48
N ASN E 40 14.15 22.69 -15.46
CA ASN E 40 13.51 23.93 -15.86
C ASN E 40 12.58 24.43 -14.77
N ASP E 41 11.89 23.52 -14.08
CA ASP E 41 11.02 23.92 -12.98
C ASP E 41 11.82 24.61 -11.86
N PHE E 42 12.94 24.02 -11.45
CA PHE E 42 13.70 24.60 -10.34
C PHE E 42 14.35 25.92 -10.73
N ASN E 43 14.81 26.03 -11.99
CA ASN E 43 15.58 27.19 -12.42
C ASN E 43 14.71 28.45 -12.53
N TYR E 44 13.42 28.29 -12.83
CA TYR E 44 12.54 29.44 -12.87
C TYR E 44 12.49 30.14 -11.52
N TYR E 45 12.22 29.39 -10.46
CA TYR E 45 12.25 29.98 -9.13
C TYR E 45 13.66 30.33 -8.70
N GLN E 46 14.65 30.09 -9.56
CA GLN E 46 16.06 30.25 -9.20
C GLN E 46 16.42 29.40 -7.99
N ASP E 47 15.72 28.28 -7.84
CA ASP E 47 16.11 27.28 -6.86
C ASP E 47 17.41 26.60 -7.31
N HIS E 48 18.07 25.97 -6.35
CA HIS E 48 19.41 25.47 -6.56
C HIS E 48 19.40 24.08 -7.20
N ILE E 49 20.33 23.85 -8.12
CA ILE E 49 20.41 22.61 -8.87
C ILE E 49 21.83 22.11 -8.80
N PHE E 50 22.01 20.86 -8.37
CA PHE E 50 23.33 20.28 -8.24
C PHE E 50 23.47 19.13 -9.24
N PHE E 51 24.46 19.25 -10.12
CA PHE E 51 24.85 18.18 -11.03
C PHE E 51 26.01 17.42 -10.39
N LEU E 52 25.76 16.16 -10.05
CA LEU E 52 26.69 15.33 -9.33
C LEU E 52 27.24 14.28 -10.29
N MET E 53 28.55 14.27 -10.51
CA MET E 53 29.14 13.43 -11.54
C MET E 53 30.34 12.64 -11.02
N ASP E 54 30.33 11.33 -11.25
CA ASP E 54 31.47 10.48 -10.97
C ASP E 54 32.69 10.98 -11.72
N LEU E 55 33.83 10.99 -11.05
CA LEU E 55 35.07 11.45 -11.64
C LEU E 55 36.08 10.32 -11.49
N HIS E 56 36.31 9.58 -12.56
CA HIS E 56 37.29 8.48 -12.58
C HIS E 56 38.46 8.80 -13.52
N ASN E 73 34.22 6.80 -16.05
CA ASN E 73 33.99 8.22 -16.31
C ASN E 73 35.27 9.03 -16.13
N ILE E 74 36.21 8.81 -17.05
CA ILE E 74 37.57 9.33 -16.89
C ILE E 74 37.60 10.84 -17.12
N VAL E 75 38.50 11.52 -16.40
CA VAL E 75 38.63 12.97 -16.47
C VAL E 75 38.90 13.42 -17.90
N ASP E 76 38.30 14.56 -18.28
CA ASP E 76 38.62 15.29 -19.51
C ASP E 76 38.37 14.46 -20.75
N THR E 77 37.27 13.70 -20.76
CA THR E 77 36.86 12.92 -21.92
C THR E 77 35.37 13.13 -22.17
N SER E 78 34.92 12.71 -23.35
CA SER E 78 33.53 12.94 -23.74
C SER E 78 32.55 12.03 -23.00
N GLY E 79 33.03 10.93 -22.41
CA GLY E 79 32.12 10.05 -21.68
C GLY E 79 31.55 10.66 -20.42
N ARG E 80 32.21 11.67 -19.86
CA ARG E 80 31.87 12.23 -18.56
C ARG E 80 30.98 13.48 -18.65
N GLU E 81 30.76 14.01 -19.84
CA GLU E 81 29.83 15.12 -19.98
C GLU E 81 28.40 14.66 -19.73
N LEU E 82 27.53 15.62 -19.43
CA LEU E 82 26.13 15.29 -19.26
C LEU E 82 25.50 14.93 -20.61
N TYR E 83 24.55 14.00 -20.56
CA TYR E 83 24.00 13.39 -21.76
C TYR E 83 22.85 14.20 -22.35
N GLY E 84 22.84 14.27 -23.68
CA GLY E 84 21.64 14.64 -24.40
C GLY E 84 21.15 16.02 -24.06
N LYS E 85 19.83 16.15 -23.93
CA LYS E 85 19.21 17.45 -23.68
C LYS E 85 19.58 17.99 -22.31
N VAL E 86 19.91 17.10 -21.36
CA VAL E 86 20.28 17.57 -20.04
C VAL E 86 21.64 18.26 -20.09
N GLY E 87 22.59 17.69 -20.84
CA GLY E 87 23.87 18.37 -21.03
C GLY E 87 23.69 19.69 -21.76
N LYS E 88 22.75 19.74 -22.69
CA LYS E 88 22.51 20.93 -23.48
C LYS E 88 21.94 22.05 -22.61
N LEU E 89 20.90 21.75 -21.84
CA LEU E 89 20.36 22.71 -20.89
C LEU E 89 21.42 23.14 -19.89
N TYR E 90 22.18 22.18 -19.33
CA TYR E 90 23.25 22.51 -18.41
C TYR E 90 24.16 23.61 -18.95
N GLU E 91 24.56 23.50 -20.22
CA GLU E 91 25.50 24.45 -20.83
C GLU E 91 24.91 25.84 -20.97
N THR E 92 23.59 25.96 -21.06
CA THR E 92 23.00 27.27 -21.20
C THR E 92 22.70 27.93 -19.85
N ILE E 93 22.98 27.25 -18.73
CA ILE E 93 22.75 27.83 -17.42
C ILE E 93 23.92 27.65 -16.47
N LYS E 94 25.06 27.10 -16.93
CA LYS E 94 26.09 26.67 -16.00
C LYS E 94 26.76 27.84 -15.27
N ALA E 95 26.70 29.06 -15.79
CA ALA E 95 27.31 30.18 -15.12
C ALA E 95 26.39 30.86 -14.10
N GLN E 96 25.13 30.46 -14.05
CA GLN E 96 24.18 31.04 -13.11
C GLN E 96 24.56 30.67 -11.67
N PRO E 97 24.18 31.50 -10.69
CA PRO E 97 24.59 31.24 -9.31
C PRO E 97 23.76 30.18 -8.60
N ASN E 98 22.62 29.78 -9.16
CA ASN E 98 21.81 28.70 -8.60
C ASN E 98 22.15 27.34 -9.20
N VAL E 99 23.26 27.21 -9.92
CA VAL E 99 23.62 25.98 -10.62
C VAL E 99 25.02 25.57 -10.19
N HIS E 100 25.17 24.30 -9.82
CA HIS E 100 26.42 23.79 -9.27
C HIS E 100 26.77 22.45 -9.91
N PHE E 101 28.07 22.20 -9.99
CA PHE E 101 28.59 20.96 -10.55
C PHE E 101 29.59 20.40 -9.55
N ILE E 102 29.41 19.15 -9.14
CA ILE E 102 30.18 18.57 -8.06
C ILE E 102 30.75 17.23 -8.51
N ASP E 103 32.07 17.07 -8.41
CA ASP E 103 32.75 15.82 -8.74
C ASP E 103 32.73 14.93 -7.51
N LYS E 104 32.36 13.66 -7.67
CA LYS E 104 32.35 12.73 -6.55
C LYS E 104 33.20 11.52 -6.86
N THR E 105 33.70 10.88 -5.79
CA THR E 105 34.61 9.74 -5.95
C THR E 105 33.96 8.42 -5.57
N ARG E 106 32.76 8.46 -4.99
CA ARG E 106 32.04 7.25 -4.64
C ARG E 106 30.62 7.38 -5.17
N TYR E 107 29.85 6.30 -5.05
CA TYR E 107 28.46 6.34 -5.49
C TYR E 107 27.69 7.46 -4.78
N ASP E 108 27.90 7.60 -3.46
CA ASP E 108 27.20 8.58 -2.63
C ASP E 108 27.63 10.01 -2.98
N SER E 109 26.67 10.83 -3.43
CA SER E 109 26.96 12.22 -3.76
C SER E 109 27.44 13.06 -2.57
N PHE E 110 27.17 12.65 -1.32
CA PHE E 110 27.61 13.43 -0.17
C PHE E 110 28.99 13.05 0.33
N PHE E 111 29.53 11.91 -0.10
CA PHE E 111 30.76 11.38 0.47
C PHE E 111 31.97 12.09 -0.08
N GLY E 112 32.75 12.70 0.82
CA GLY E 112 33.96 13.39 0.42
C GLY E 112 33.70 14.61 -0.45
N THR E 113 32.44 15.10 -0.49
CA THR E 113 32.10 16.30 -1.25
C THR E 113 31.64 17.38 -0.29
N PRO E 114 31.52 18.63 -0.74
CA PRO E 114 30.91 19.66 0.12
C PRO E 114 29.40 19.81 -0.09
N LEU E 115 28.71 18.79 -0.61
CA LEU E 115 27.28 18.94 -0.91
C LEU E 115 26.47 19.38 0.31
N ASP E 116 26.61 18.67 1.43
CA ASP E 116 25.86 19.02 2.63
C ASP E 116 26.20 20.44 3.08
N SER E 117 27.48 20.81 3.03
CA SER E 117 27.90 22.16 3.38
C SER E 117 27.19 23.19 2.51
N LEU E 118 27.10 22.92 1.20
CA LEU E 118 26.53 23.89 0.28
C LEU E 118 25.02 23.97 0.43
N LEU E 119 24.36 22.85 0.74
CA LEU E 119 22.92 22.89 0.98
C LEU E 119 22.59 23.69 2.22
N ARG E 120 23.38 23.52 3.29
CA ARG E 120 23.09 24.19 4.55
C ARG E 120 23.34 25.70 4.45
N GLU E 121 24.44 26.12 3.83
CA GLU E 121 24.71 27.52 3.55
C GLU E 121 23.47 28.20 2.97
N ARG E 122 22.77 27.50 2.07
CA ARG E 122 21.66 28.06 1.32
C ARG E 122 20.31 27.73 1.93
N SER E 123 20.29 27.30 3.20
CA SER E 123 19.03 27.05 3.93
C SER E 123 18.15 26.05 3.21
N ILE E 124 18.75 24.98 2.67
CA ILE E 124 17.98 23.93 2.02
C ILE E 124 17.69 22.83 3.03
N ASN E 125 16.45 22.37 3.06
CA ASN E 125 16.09 21.24 3.90
C ASN E 125 15.31 20.18 3.12
N GLN E 126 15.24 20.32 1.81
CA GLN E 126 14.39 19.47 0.98
C GLN E 126 15.14 19.22 -0.32
N VAL E 127 15.35 17.95 -0.67
CA VAL E 127 16.04 17.61 -1.91
C VAL E 127 15.14 16.74 -2.78
N GLU E 128 15.17 17.02 -4.07
CA GLU E 128 14.62 16.12 -5.07
C GLU E 128 15.78 15.46 -5.80
N ILE E 129 15.72 14.13 -5.94
CA ILE E 129 16.81 13.36 -6.51
C ILE E 129 16.33 12.73 -7.80
N VAL E 130 17.05 12.99 -8.88
CA VAL E 130 16.79 12.36 -10.16
C VAL E 130 18.13 11.87 -10.71
N GLY E 131 18.06 10.94 -11.66
CA GLY E 131 19.26 10.42 -12.30
C GLY E 131 19.32 8.90 -12.23
N VAL E 132 20.55 8.39 -12.19
CA VAL E 132 20.83 6.95 -12.33
C VAL E 132 21.99 6.60 -11.41
N CYS E 133 22.11 5.31 -11.04
CA CYS E 133 21.06 4.30 -11.16
C CYS E 133 20.29 4.29 -9.88
N THR E 134 19.02 3.89 -9.96
CA THR E 134 18.09 3.98 -8.83
C THR E 134 18.64 3.29 -7.59
N ASP E 135 19.12 2.07 -7.75
CA ASP E 135 19.59 1.28 -6.62
C ASP E 135 21.10 1.35 -6.44
N ILE E 136 21.79 2.31 -7.06
CA ILE E 136 23.21 2.49 -6.75
C ILE E 136 23.47 3.94 -6.33
N CYS E 137 23.92 4.79 -7.25
CA CYS E 137 24.23 6.18 -6.89
C CYS E 137 23.04 6.91 -6.28
N VAL E 138 21.83 6.70 -6.81
CA VAL E 138 20.65 7.35 -6.25
C VAL E 138 20.37 6.80 -4.86
N LEU E 139 20.37 5.48 -4.70
CA LEU E 139 20.15 4.88 -3.39
C LEU E 139 21.15 5.40 -2.37
N HIS E 140 22.44 5.34 -2.69
CA HIS E 140 23.46 5.76 -1.73
C HIS E 140 23.32 7.24 -1.39
N THR E 141 23.08 8.07 -2.40
CA THR E 141 22.83 9.49 -2.19
C THR E 141 21.60 9.71 -1.30
N ALA E 142 20.51 8.98 -1.58
CA ALA E 142 19.29 9.11 -0.78
C ALA E 142 19.52 8.73 0.67
N ILE E 143 20.32 7.67 0.92
CA ILE E 143 20.55 7.25 2.29
C ILE E 143 21.32 8.32 3.05
N SER E 144 22.30 8.95 2.41
CA SER E 144 23.04 10.00 3.09
C SER E 144 22.14 11.18 3.40
N ALA E 145 21.32 11.59 2.43
CA ALA E 145 20.35 12.66 2.62
C ALA E 145 19.43 12.36 3.80
N TYR E 146 18.91 11.13 3.84
CA TYR E 146 18.07 10.69 4.96
C TYR E 146 18.80 10.84 6.29
N ASN E 147 19.99 10.25 6.40
CA ASN E 147 20.77 10.34 7.62
C ASN E 147 21.03 11.80 8.01
N LEU E 148 21.24 12.67 7.03
CA LEU E 148 21.56 14.06 7.30
C LEU E 148 20.33 14.91 7.58
N GLY E 149 19.14 14.32 7.63
CA GLY E 149 17.95 15.02 8.04
C GLY E 149 17.19 15.75 6.94
N TYR E 150 17.53 15.55 5.68
CA TYR E 150 16.79 16.21 4.61
C TYR E 150 15.45 15.51 4.38
N LYS E 151 14.43 16.28 4.05
CA LYS E 151 13.23 15.69 3.45
C LYS E 151 13.54 15.33 2.00
N ILE E 152 13.04 14.17 1.57
CA ILE E 152 13.48 13.53 0.34
C ILE E 152 12.30 13.33 -0.59
N SER E 153 12.45 13.70 -1.86
CA SER E 153 11.52 13.21 -2.86
C SER E 153 12.30 12.60 -4.02
N VAL E 154 11.90 11.41 -4.43
CA VAL E 154 12.49 10.73 -5.57
C VAL E 154 11.35 10.39 -6.52
N PRO E 155 11.03 11.25 -7.49
CA PRO E 155 9.96 10.93 -8.45
C PRO E 155 10.31 9.69 -9.25
N ALA E 156 9.34 8.77 -9.34
CA ALA E 156 9.59 7.50 -10.01
C ALA E 156 9.87 7.71 -11.50
N GLU E 157 9.35 8.79 -12.07
CA GLU E 157 9.59 9.13 -13.46
C GLU E 157 10.94 9.78 -13.69
N GLY E 158 11.69 10.12 -12.63
CA GLY E 158 12.97 10.77 -12.83
C GLY E 158 14.20 9.93 -12.54
N VAL E 159 14.02 8.66 -12.19
CA VAL E 159 15.16 7.78 -11.92
C VAL E 159 15.02 6.52 -12.76
N ALA E 160 16.15 5.88 -13.06
CA ALA E 160 16.14 4.61 -13.75
C ALA E 160 17.36 3.79 -13.35
N SER E 161 17.30 2.51 -13.68
CA SER E 161 18.32 1.55 -13.29
C SER E 161 18.47 0.53 -14.42
N PHE E 162 19.55 -0.25 -14.36
CA PHE E 162 19.78 -1.29 -15.35
C PHE E 162 18.96 -2.55 -15.12
N ASN E 163 18.25 -2.66 -14.00
CA ASN E 163 17.47 -3.87 -13.74
C ASN E 163 16.16 -3.50 -13.05
N GLN E 164 15.09 -4.18 -13.47
CA GLN E 164 13.78 -3.91 -12.90
C GLN E 164 13.72 -4.24 -11.40
N LYS E 165 14.34 -5.36 -10.99
CA LYS E 165 14.27 -5.77 -9.59
C LYS E 165 14.86 -4.70 -8.66
N GLY E 166 16.04 -4.19 -9.01
CA GLY E 166 16.65 -3.14 -8.20
C GLY E 166 15.85 -1.84 -8.22
N HIS E 167 15.44 -1.41 -9.41
CA HIS E 167 14.59 -0.22 -9.53
C HIS E 167 13.38 -0.30 -8.60
N GLU E 168 12.60 -1.36 -8.72
CA GLU E 168 11.39 -1.51 -7.91
C GLU E 168 11.74 -1.59 -6.42
N TRP E 169 12.75 -2.39 -6.09
CA TRP E 169 13.18 -2.50 -4.69
C TRP E 169 13.56 -1.14 -4.12
N ALA E 170 14.32 -0.35 -4.89
CA ALA E 170 14.81 0.92 -4.35
C ALA E 170 13.69 1.93 -4.15
N LEU E 171 12.77 2.04 -5.12
CA LEU E 171 11.66 2.97 -4.95
C LEU E 171 10.84 2.65 -3.70
N ALA E 172 10.62 1.36 -3.40
CA ALA E 172 9.93 1.02 -2.16
C ALA E 172 10.82 1.33 -0.94
N HIS E 173 12.12 1.05 -1.02
CA HIS E 173 13.01 1.42 0.08
C HIS E 173 12.91 2.91 0.39
N PHE E 174 12.98 3.76 -0.64
CA PHE E 174 12.87 5.20 -0.42
C PHE E 174 11.60 5.55 0.36
N LYS E 175 10.48 4.93 -0.03
CA LYS E 175 9.20 5.28 0.57
C LYS E 175 9.07 4.71 1.98
N ASN E 176 9.35 3.42 2.17
CA ASN E 176 9.04 2.75 3.42
C ASN E 176 10.10 2.92 4.49
N SER E 177 11.38 3.04 4.10
CA SER E 177 12.42 3.18 5.10
C SER E 177 12.95 4.60 5.20
N LEU E 178 12.95 5.36 4.11
CA LEU E 178 13.52 6.69 4.18
C LEU E 178 12.46 7.78 4.30
N GLY E 179 11.19 7.41 4.43
CA GLY E 179 10.14 8.42 4.54
C GLY E 179 10.12 9.40 3.39
N ALA E 180 10.43 8.94 2.18
CA ALA E 180 10.48 9.77 1.00
C ALA E 180 9.12 9.83 0.30
N GLU E 181 8.91 10.93 -0.41
CA GLU E 181 7.80 11.01 -1.35
C GLU E 181 8.24 10.41 -2.67
N VAL E 182 7.57 9.36 -3.10
CA VAL E 182 7.92 8.66 -4.33
C VAL E 182 6.65 8.67 -5.19
N GLU E 183 6.50 9.70 -6.00
CA GLU E 183 5.27 9.86 -6.77
C GLU E 183 5.42 9.23 -8.14
N GLN E 184 4.37 8.54 -8.58
CA GLN E 184 4.39 7.79 -9.82
C GLN E 184 4.13 8.70 -11.02
N HIS E 185 3.25 9.69 -10.86
CA HIS E 185 2.92 10.62 -11.93
C HIS E 185 2.84 12.02 -11.35
N VAL E 186 3.53 12.97 -11.99
CA VAL E 186 3.52 14.35 -11.53
C VAL E 186 2.23 15.08 -11.92
N MET F 1 42.12 -12.51 11.85
CA MET F 1 43.22 -12.01 11.03
C MET F 1 44.09 -11.04 11.81
N THR F 2 43.65 -10.73 13.03
CA THR F 2 44.08 -9.63 13.90
C THR F 2 43.73 -8.27 13.29
N HIS F 3 43.15 -8.28 12.09
CA HIS F 3 42.70 -7.04 11.47
C HIS F 3 41.23 -7.09 11.09
N ARG F 4 40.45 -7.94 11.76
CA ARG F 4 39.06 -8.13 11.38
C ARG F 4 38.15 -7.87 12.59
N ALA F 5 36.89 -7.54 12.31
CA ALA F 5 35.91 -7.34 13.37
C ALA F 5 34.57 -7.88 12.90
N LEU F 6 33.77 -8.34 13.86
CA LEU F 6 32.42 -8.82 13.61
C LEU F 6 31.42 -7.76 14.07
N LEU F 7 30.54 -7.33 13.16
CA LEU F 7 29.47 -6.38 13.46
C LEU F 7 28.15 -7.16 13.53
N VAL F 8 27.54 -7.20 14.71
CA VAL F 8 26.29 -7.92 14.92
C VAL F 8 25.19 -6.87 15.01
N VAL F 9 24.35 -6.82 13.98
CA VAL F 9 23.46 -5.67 13.74
C VAL F 9 22.04 -6.04 14.17
N ASP F 10 21.57 -5.37 15.21
CA ASP F 10 20.15 -5.30 15.58
C ASP F 10 19.52 -6.66 15.82
N TYR F 11 20.25 -7.56 16.47
CA TYR F 11 19.74 -8.91 16.75
C TYR F 11 19.01 -8.93 18.09
N SER F 12 17.98 -8.10 18.19
CA SER F 12 17.24 -7.90 19.43
C SER F 12 15.93 -8.70 19.43
N TYR F 13 15.41 -8.90 20.64
CA TYR F 13 14.14 -9.63 20.81
C TYR F 13 13.03 -8.99 19.98
N ASP F 14 12.91 -7.66 20.04
CA ASP F 14 11.82 -6.98 19.33
C ASP F 14 11.95 -7.14 17.82
N PHE F 15 13.17 -7.32 17.29
CA PHE F 15 13.35 -7.55 15.87
C PHE F 15 13.16 -9.02 15.50
N ILE F 16 13.52 -9.94 16.38
CA ILE F 16 13.67 -11.34 16.01
C ILE F 16 12.54 -12.23 16.55
N ALA F 17 11.98 -11.91 17.73
CA ALA F 17 11.04 -12.80 18.39
C ALA F 17 9.68 -12.78 17.70
N ASP F 18 8.74 -13.57 18.23
CA ASP F 18 7.40 -13.64 17.65
C ASP F 18 6.50 -12.51 18.16
N ASP F 19 6.62 -12.15 19.44
CA ASP F 19 5.84 -11.04 19.98
C ASP F 19 6.71 -9.82 20.25
N THR F 23 8.30 -6.82 14.42
CA THR F 23 9.25 -7.93 14.28
C THR F 23 9.51 -8.28 12.82
N CYS F 24 10.45 -9.21 12.61
CA CYS F 24 10.71 -9.82 11.32
C CYS F 24 10.52 -11.33 11.35
N GLY F 25 10.18 -11.91 12.50
CA GLY F 25 9.74 -13.28 12.59
C GLY F 25 10.80 -14.31 12.22
N LYS F 26 10.31 -15.45 11.71
CA LYS F 26 11.12 -16.66 11.56
C LYS F 26 12.45 -16.45 10.85
N PRO F 27 12.54 -15.70 9.73
CA PRO F 27 13.85 -15.57 9.06
C PRO F 27 14.99 -15.18 10.01
N GLY F 28 14.81 -14.14 10.82
CA GLY F 28 15.84 -13.77 11.79
C GLY F 28 16.10 -14.84 12.83
N GLN F 29 15.11 -15.70 13.10
CA GLN F 29 15.31 -16.79 14.05
C GLN F 29 16.23 -17.88 13.47
N ASN F 30 16.22 -18.07 12.15
CA ASN F 30 16.98 -19.15 11.52
C ASN F 30 18.49 -18.87 11.42
N ILE F 31 18.94 -17.65 11.68
CA ILE F 31 20.37 -17.33 11.62
C ILE F 31 21.02 -17.34 12.99
N GLU F 32 20.25 -17.60 14.06
CA GLU F 32 20.75 -17.58 15.43
C GLU F 32 22.02 -18.42 15.58
N ASP F 33 21.96 -19.70 15.20
CA ASP F 33 23.11 -20.57 15.40
C ASP F 33 24.31 -20.14 14.57
N PHE F 34 24.10 -19.58 13.38
CA PHE F 34 25.24 -19.13 12.59
C PHE F 34 25.91 -17.93 13.23
N ILE F 35 25.12 -17.01 13.78
CA ILE F 35 25.68 -15.83 14.45
C ILE F 35 26.46 -16.24 15.68
N VAL F 36 25.90 -17.18 16.47
CA VAL F 36 26.58 -17.68 17.65
C VAL F 36 27.93 -18.26 17.27
N SER F 37 27.99 -18.99 16.15
CA SER F 37 29.24 -19.61 15.76
C SER F 37 30.26 -18.59 15.25
N ARG F 38 29.82 -17.47 14.67
CA ARG F 38 30.78 -16.44 14.28
C ARG F 38 31.33 -15.72 15.49
N ILE F 39 30.49 -15.51 16.52
CA ILE F 39 30.98 -14.84 17.72
C ILE F 39 32.04 -15.69 18.41
N ASN F 40 31.80 -17.00 18.52
CA ASN F 40 32.80 -17.89 19.09
C ASN F 40 34.06 -17.89 18.26
N ASP F 41 33.91 -17.84 16.94
CA ASP F 41 35.07 -17.79 16.06
C ASP F 41 35.91 -16.55 16.32
N PHE F 42 35.30 -15.37 16.25
CA PHE F 42 36.04 -14.15 16.53
C PHE F 42 36.60 -14.17 17.94
N ASN F 43 35.82 -14.65 18.90
CA ASN F 43 36.28 -14.72 20.29
C ASN F 43 37.48 -15.65 20.44
N TYR F 44 37.48 -16.78 19.73
CA TYR F 44 38.60 -17.71 19.82
C TYR F 44 39.92 -16.99 19.62
N TYR F 45 39.99 -16.08 18.64
CA TYR F 45 41.21 -15.35 18.33
C TYR F 45 41.31 -14.04 19.07
N GLN F 46 40.40 -13.77 20.01
CA GLN F 46 40.30 -12.47 20.66
C GLN F 46 40.16 -11.33 19.65
N ASP F 47 39.49 -11.60 18.53
CA ASP F 47 39.11 -10.55 17.61
C ASP F 47 37.92 -9.77 18.16
N HIS F 48 37.70 -8.59 17.60
CA HIS F 48 36.77 -7.65 18.19
C HIS F 48 35.37 -7.86 17.62
N ILE F 49 34.39 -7.78 18.51
CA ILE F 49 32.99 -8.08 18.23
C ILE F 49 32.18 -6.91 18.72
N PHE F 50 31.41 -6.30 17.83
CA PHE F 50 30.60 -5.13 18.13
C PHE F 50 29.14 -5.51 18.02
N PHE F 51 28.40 -5.37 19.10
CA PHE F 51 26.95 -5.51 19.04
C PHE F 51 26.35 -4.13 18.85
N LEU F 52 25.70 -3.92 17.70
CA LEU F 52 25.13 -2.62 17.35
C LEU F 52 23.62 -2.67 17.48
N MET F 53 23.03 -1.78 18.29
CA MET F 53 21.61 -1.85 18.62
C MET F 53 20.92 -0.49 18.57
N ASP F 54 19.77 -0.45 17.90
CA ASP F 54 18.97 0.77 17.79
C ASP F 54 18.46 1.23 19.15
N LEU F 55 18.16 2.53 19.25
CA LEU F 55 17.80 3.13 20.53
C LEU F 55 16.29 3.19 20.75
N HIS F 56 15.70 4.34 20.47
CA HIS F 56 14.26 4.56 20.62
C HIS F 56 13.75 4.19 22.00
N SER F 78 13.48 -3.32 27.61
CA SER F 78 13.55 -4.78 27.67
C SER F 78 13.58 -5.40 26.28
N GLY F 79 12.66 -4.97 25.42
CA GLY F 79 12.65 -5.45 24.04
C GLY F 79 13.92 -5.19 23.28
N ARG F 80 14.86 -4.44 23.85
CA ARG F 80 16.17 -4.20 23.27
C ARG F 80 17.20 -5.22 23.70
N GLU F 81 16.81 -6.22 24.50
CA GLU F 81 17.69 -7.31 24.86
C GLU F 81 18.10 -8.09 23.60
N LEU F 82 19.34 -8.57 23.58
CA LEU F 82 19.78 -9.42 22.49
C LEU F 82 18.98 -10.72 22.50
N TYR F 83 18.75 -11.27 21.31
CA TYR F 83 17.84 -12.38 21.17
C TYR F 83 18.52 -13.72 21.43
N GLY F 84 17.83 -14.58 22.18
CA GLY F 84 18.08 -16.01 22.18
C GLY F 84 19.47 -16.39 22.65
N LYS F 85 20.05 -17.37 21.93
CA LYS F 85 21.40 -17.83 22.23
C LYS F 85 22.44 -16.72 22.08
N VAL F 86 22.19 -15.76 21.18
CA VAL F 86 23.14 -14.65 21.04
C VAL F 86 23.14 -13.81 22.30
N GLY F 87 21.96 -13.57 22.87
CA GLY F 87 21.88 -12.86 24.13
C GLY F 87 22.49 -13.62 25.29
N LYS F 88 22.31 -14.94 25.32
CA LYS F 88 22.93 -15.74 26.38
C LYS F 88 24.45 -15.67 26.28
N LEU F 89 24.98 -15.85 25.07
CA LEU F 89 26.43 -15.80 24.88
C LEU F 89 26.98 -14.42 25.22
N TYR F 90 26.27 -13.36 24.84
CA TYR F 90 26.73 -12.01 25.17
C TYR F 90 26.88 -11.84 26.67
N GLU F 91 25.92 -12.36 27.45
CA GLU F 91 25.99 -12.25 28.91
C GLU F 91 27.27 -12.83 29.47
N THR F 92 27.85 -13.81 28.78
CA THR F 92 29.07 -14.47 29.24
C THR F 92 30.32 -13.66 28.92
N ILE F 93 30.35 -12.96 27.79
CA ILE F 93 31.58 -12.36 27.28
C ILE F 93 31.57 -10.85 27.36
N LYS F 94 30.48 -10.25 27.85
CA LYS F 94 30.29 -8.82 27.69
C LYS F 94 31.34 -7.97 28.39
N ALA F 95 32.04 -8.50 29.41
CA ALA F 95 33.06 -7.72 30.08
C ALA F 95 34.45 -7.86 29.47
N GLN F 96 34.60 -8.67 28.42
CA GLN F 96 35.91 -8.83 27.83
C GLN F 96 36.30 -7.60 27.00
N PRO F 97 37.61 -7.32 26.91
CA PRO F 97 38.05 -6.12 26.16
C PRO F 97 37.84 -6.21 24.66
N ASN F 98 37.52 -7.38 24.12
CA ASN F 98 37.30 -7.53 22.69
C ASN F 98 35.81 -7.52 22.33
N VAL F 99 34.95 -7.09 23.24
CA VAL F 99 33.50 -7.13 23.07
C VAL F 99 32.96 -5.74 23.33
N HIS F 100 32.13 -5.23 22.42
CA HIS F 100 31.68 -3.85 22.50
C HIS F 100 30.19 -3.79 22.21
N PHE F 101 29.52 -2.85 22.88
CA PHE F 101 28.10 -2.62 22.69
C PHE F 101 27.92 -1.16 22.34
N ILE F 102 27.28 -0.88 21.21
CA ILE F 102 27.20 0.46 20.67
C ILE F 102 25.74 0.77 20.38
N ASP F 103 25.27 1.91 20.90
CA ASP F 103 23.92 2.43 20.69
C ASP F 103 23.86 3.24 19.39
N LYS F 104 22.97 2.88 18.47
CA LYS F 104 22.84 3.66 17.24
C LYS F 104 21.46 4.32 17.15
N THR F 105 21.42 5.47 16.48
CA THR F 105 20.19 6.25 16.33
C THR F 105 19.58 6.14 14.95
N ARG F 106 20.31 5.59 13.96
CA ARG F 106 19.78 5.37 12.62
C ARG F 106 20.07 3.92 12.22
N TYR F 107 19.61 3.53 11.02
CA TYR F 107 19.86 2.17 10.56
C TYR F 107 21.36 1.90 10.41
N ASP F 108 22.11 2.89 9.93
CA ASP F 108 23.55 2.78 9.68
C ASP F 108 24.31 2.75 11.00
N SER F 109 25.03 1.66 11.25
CA SER F 109 25.77 1.48 12.50
C SER F 109 26.89 2.49 12.67
N PHE F 110 27.34 3.11 11.57
CA PHE F 110 28.43 4.11 11.60
C PHE F 110 27.93 5.54 11.86
N PHE F 111 26.66 5.83 11.60
CA PHE F 111 26.19 7.22 11.66
C PHE F 111 26.05 7.69 13.11
N GLY F 112 26.73 8.78 13.44
CA GLY F 112 26.66 9.34 14.78
C GLY F 112 27.21 8.47 15.88
N THR F 113 28.03 7.46 15.54
CA THR F 113 28.66 6.58 16.51
C THR F 113 30.17 6.66 16.42
N PRO F 114 30.88 6.20 17.45
CA PRO F 114 32.34 6.10 17.34
C PRO F 114 32.84 4.83 16.66
N LEU F 115 31.98 4.10 15.94
CA LEU F 115 32.39 2.79 15.40
C LEU F 115 33.66 2.87 14.55
N ASP F 116 33.69 3.78 13.58
CA ASP F 116 34.87 3.89 12.71
C ASP F 116 36.13 4.16 13.52
N SER F 117 36.07 5.12 14.46
CA SER F 117 37.26 5.42 15.25
C SER F 117 37.69 4.24 16.11
N LEU F 118 36.74 3.47 16.65
CA LEU F 118 37.09 2.29 17.43
C LEU F 118 37.78 1.22 16.60
N LEU F 119 37.30 0.99 15.37
CA LEU F 119 37.94 0.05 14.46
C LEU F 119 39.34 0.52 14.05
N ARG F 120 39.48 1.82 13.74
CA ARG F 120 40.79 2.35 13.37
C ARG F 120 41.79 2.23 14.51
N GLU F 121 41.37 2.55 15.75
CA GLU F 121 42.24 2.42 16.91
C GLU F 121 42.85 1.03 17.02
N ARG F 122 42.10 0.00 16.60
CA ARG F 122 42.49 -1.39 16.78
C ARG F 122 43.06 -2.02 15.51
N SER F 123 43.37 -1.19 14.51
CA SER F 123 44.01 -1.64 13.27
C SER F 123 43.14 -2.63 12.51
N ILE F 124 41.82 -2.45 12.59
CA ILE F 124 40.86 -3.25 11.83
C ILE F 124 40.64 -2.59 10.48
N ASN F 125 40.84 -3.34 9.40
CA ASN F 125 40.43 -2.88 8.08
C ASN F 125 39.50 -3.86 7.39
N GLN F 126 38.90 -4.80 8.13
CA GLN F 126 38.01 -5.78 7.54
C GLN F 126 36.86 -6.04 8.49
N VAL F 127 35.63 -6.03 7.97
CA VAL F 127 34.44 -6.24 8.79
C VAL F 127 33.62 -7.38 8.20
N GLU F 128 33.08 -8.21 9.09
CA GLU F 128 32.08 -9.20 8.75
C GLU F 128 30.78 -8.75 9.38
N ILE F 129 29.71 -8.69 8.60
CA ILE F 129 28.45 -8.12 9.07
C ILE F 129 27.39 -9.20 9.09
N VAL F 130 26.76 -9.38 10.25
CA VAL F 130 25.66 -10.31 10.42
C VAL F 130 24.51 -9.57 11.10
N GLY F 131 23.32 -10.16 11.03
CA GLY F 131 22.18 -9.53 11.67
C GLY F 131 21.01 -9.26 10.76
N VAL F 132 20.17 -8.28 11.11
CA VAL F 132 18.92 -7.98 10.41
C VAL F 132 18.76 -6.47 10.34
N CYS F 133 17.98 -5.98 9.37
CA CYS F 133 17.49 -6.70 8.19
C CYS F 133 18.49 -6.55 7.04
N THR F 134 18.60 -7.56 6.16
CA THR F 134 19.60 -7.55 5.10
C THR F 134 19.60 -6.25 4.29
N ASP F 135 18.40 -5.80 3.91
CA ASP F 135 18.26 -4.65 3.02
C ASP F 135 17.87 -3.38 3.77
N ILE F 136 18.01 -3.35 5.10
CA ILE F 136 17.86 -2.07 5.81
C ILE F 136 19.12 -1.81 6.64
N CYS F 137 19.13 -2.19 7.93
CA CYS F 137 20.27 -1.86 8.79
C CYS F 137 21.58 -2.49 8.29
N VAL F 138 21.53 -3.74 7.87
CA VAL F 138 22.71 -4.36 7.29
C VAL F 138 23.16 -3.57 6.06
N LEU F 139 22.22 -3.26 5.17
CA LEU F 139 22.54 -2.50 3.96
C LEU F 139 23.20 -1.17 4.29
N HIS F 140 22.58 -0.38 5.16
CA HIS F 140 23.12 0.95 5.44
C HIS F 140 24.47 0.85 6.12
N THR F 141 24.63 -0.12 7.04
CA THR F 141 25.95 -0.34 7.65
C THR F 141 26.99 -0.75 6.60
N ALA F 142 26.63 -1.67 5.69
CA ALA F 142 27.57 -2.11 4.66
C ALA F 142 28.03 -0.96 3.75
N ILE F 143 27.08 -0.13 3.31
CA ILE F 143 27.43 1.00 2.44
C ILE F 143 28.43 1.93 3.13
N SER F 144 28.21 2.22 4.42
CA SER F 144 29.14 3.09 5.14
C SER F 144 30.50 2.44 5.29
N ALA F 145 30.53 1.14 5.63
CA ALA F 145 31.79 0.42 5.72
C ALA F 145 32.54 0.49 4.39
N TYR F 146 31.79 0.35 3.29
CA TYR F 146 32.35 0.45 1.97
C TYR F 146 32.95 1.83 1.74
N ASN F 147 32.17 2.88 2.03
CA ASN F 147 32.68 4.25 1.81
C ASN F 147 33.91 4.52 2.64
N LEU F 148 33.97 3.99 3.85
CA LEU F 148 35.11 4.22 4.74
C LEU F 148 36.31 3.32 4.39
N GLY F 149 36.24 2.54 3.33
CA GLY F 149 37.41 1.82 2.89
C GLY F 149 37.63 0.48 3.56
N TYR F 150 36.63 -0.06 4.26
CA TYR F 150 36.77 -1.37 4.88
C TYR F 150 36.52 -2.46 3.84
N LYS F 151 37.30 -3.54 3.94
CA LYS F 151 36.95 -4.79 3.28
C LYS F 151 35.76 -5.43 4.00
N ILE F 152 34.84 -6.02 3.25
CA ILE F 152 33.51 -6.38 3.76
C ILE F 152 33.22 -7.84 3.47
N SER F 153 32.73 -8.57 4.48
CA SER F 153 32.07 -9.86 4.29
C SER F 153 30.66 -9.79 4.83
N VAL F 154 29.71 -10.28 4.03
CA VAL F 154 28.36 -10.45 4.53
C VAL F 154 27.94 -11.86 4.16
N PRO F 155 28.08 -12.82 5.07
CA PRO F 155 27.75 -14.21 4.75
C PRO F 155 26.25 -14.37 4.62
N ALA F 156 25.83 -15.05 3.55
CA ALA F 156 24.41 -15.19 3.26
C ALA F 156 23.67 -15.87 4.42
N GLU F 157 24.31 -16.82 5.10
CA GLU F 157 23.66 -17.51 6.20
C GLU F 157 23.64 -16.69 7.48
N GLY F 158 24.22 -15.49 7.49
CA GLY F 158 24.32 -14.72 8.71
C GLY F 158 23.43 -13.49 8.76
N VAL F 159 22.63 -13.26 7.72
CA VAL F 159 21.73 -12.12 7.67
C VAL F 159 20.35 -12.59 7.23
N ALA F 160 19.33 -11.79 7.56
CA ALA F 160 17.97 -12.11 7.14
C ALA F 160 17.14 -10.85 6.96
N SER F 161 16.03 -11.00 6.25
CA SER F 161 15.05 -9.94 6.09
C SER F 161 13.66 -10.56 6.01
N PHE F 162 12.64 -9.77 6.35
CA PHE F 162 11.29 -10.26 6.12
C PHE F 162 10.92 -10.26 4.65
N ASN F 163 11.65 -9.52 3.83
CA ASN F 163 11.35 -9.36 2.41
C ASN F 163 12.41 -10.14 1.62
N GLN F 164 11.98 -11.29 1.09
CA GLN F 164 12.91 -12.17 0.38
C GLN F 164 13.52 -11.48 -0.84
N LYS F 165 12.74 -10.67 -1.55
CA LYS F 165 13.26 -10.00 -2.73
C LYS F 165 14.30 -8.95 -2.35
N GLY F 166 14.11 -8.26 -1.22
CA GLY F 166 15.11 -7.30 -0.79
C GLY F 166 16.35 -7.99 -0.23
N HIS F 167 16.15 -9.10 0.47
CA HIS F 167 17.28 -9.92 0.90
C HIS F 167 18.13 -10.33 -0.29
N GLU F 168 17.49 -10.83 -1.36
CA GLU F 168 18.25 -11.24 -2.54
C GLU F 168 18.84 -10.04 -3.27
N TRP F 169 18.06 -8.95 -3.39
CA TRP F 169 18.61 -7.75 -4.02
C TRP F 169 19.88 -7.30 -3.30
N ALA F 170 19.86 -7.33 -1.97
CA ALA F 170 20.95 -6.78 -1.17
C ALA F 170 22.20 -7.64 -1.22
N LEU F 171 22.06 -8.97 -1.19
CA LEU F 171 23.24 -9.82 -1.30
C LEU F 171 23.97 -9.56 -2.62
N ALA F 172 23.24 -9.35 -3.71
CA ALA F 172 23.89 -9.05 -4.98
C ALA F 172 24.51 -7.66 -4.97
N HIS F 173 23.83 -6.67 -4.37
CA HIS F 173 24.40 -5.34 -4.21
C HIS F 173 25.72 -5.40 -3.46
N PHE F 174 25.75 -6.12 -2.34
CA PHE F 174 26.99 -6.23 -1.56
C PHE F 174 28.11 -6.78 -2.44
N LYS F 175 27.80 -7.78 -3.26
CA LYS F 175 28.79 -8.44 -4.08
C LYS F 175 29.19 -7.60 -5.28
N ASN F 176 28.20 -7.05 -6.00
CA ASN F 176 28.46 -6.45 -7.30
C ASN F 176 28.81 -4.97 -7.21
N SER F 177 28.27 -4.25 -6.23
CA SER F 177 28.59 -2.83 -6.08
C SER F 177 29.57 -2.53 -4.96
N LEU F 178 29.51 -3.27 -3.84
CA LEU F 178 30.36 -2.98 -2.70
C LEU F 178 31.65 -3.82 -2.66
N GLY F 179 31.83 -4.74 -3.59
CA GLY F 179 33.01 -5.58 -3.61
C GLY F 179 33.13 -6.51 -2.42
N ALA F 180 32.02 -6.94 -1.85
CA ALA F 180 32.09 -7.74 -0.63
C ALA F 180 32.17 -9.23 -0.97
N GLU F 181 32.76 -9.99 -0.05
CA GLU F 181 32.64 -11.45 -0.08
C GLU F 181 31.28 -11.85 0.46
N VAL F 182 30.50 -12.54 -0.35
CA VAL F 182 29.16 -12.99 0.03
C VAL F 182 29.18 -14.51 -0.16
N GLU F 183 29.47 -15.24 0.92
CA GLU F 183 29.52 -16.70 0.86
C GLU F 183 28.13 -17.27 1.08
N GLN F 184 27.67 -18.13 0.15
CA GLN F 184 26.37 -18.78 0.28
C GLN F 184 26.53 -20.17 0.90
N MET G 1 53.19 -0.24 11.85
CA MET G 1 54.29 0.30 11.03
C MET G 1 53.83 1.57 10.33
N THR G 2 54.75 2.53 10.18
CA THR G 2 54.39 3.87 9.74
C THR G 2 54.47 4.00 8.22
N HIS G 3 53.38 4.50 7.63
CA HIS G 3 53.24 4.76 6.20
C HIS G 3 52.76 6.19 6.03
N ARG G 4 53.56 7.04 5.41
CA ARG G 4 53.41 8.47 5.63
C ARG G 4 53.06 9.22 4.36
N ALA G 5 52.37 10.35 4.53
CA ALA G 5 52.06 11.26 3.45
C ALA G 5 52.33 12.68 3.92
N LEU G 6 52.57 13.58 2.97
CA LEU G 6 52.87 14.97 3.27
C LEU G 6 51.68 15.83 2.85
N LEU G 7 51.22 16.70 3.74
CA LEU G 7 50.13 17.62 3.46
C LEU G 7 50.70 19.02 3.37
N VAL G 8 50.62 19.62 2.20
CA VAL G 8 51.12 20.98 1.98
C VAL G 8 49.91 21.90 1.91
N VAL G 9 49.71 22.73 2.94
CA VAL G 9 48.45 23.43 3.16
C VAL G 9 48.55 24.89 2.74
N ASP G 10 47.76 25.25 1.73
CA ASP G 10 47.50 26.65 1.35
C ASP G 10 48.78 27.43 1.05
N TYR G 11 49.73 26.81 0.35
CA TYR G 11 50.98 27.49 0.05
C TYR G 11 50.86 28.25 -1.28
N SER G 12 49.97 29.24 -1.30
CA SER G 12 49.63 29.92 -2.54
C SER G 12 50.22 31.31 -2.57
N TYR G 13 50.41 31.79 -3.80
CA TYR G 13 50.88 33.16 -4.04
C TYR G 13 50.02 34.17 -3.27
N ASP G 14 48.71 33.96 -3.26
CA ASP G 14 47.81 34.95 -2.66
C ASP G 14 47.90 34.98 -1.15
N PHE G 15 48.29 33.87 -0.52
CA PHE G 15 48.53 33.83 0.93
C PHE G 15 49.95 34.23 1.32
N ILE G 16 50.92 34.09 0.42
CA ILE G 16 52.33 34.15 0.77
C ILE G 16 53.01 35.41 0.26
N ALA G 17 52.67 35.85 -0.96
CA ALA G 17 53.42 36.93 -1.60
C ALA G 17 53.08 38.28 -0.98
N ASP G 18 53.88 39.29 -1.35
CA ASP G 18 53.60 40.67 -0.94
C ASP G 18 52.56 41.31 -1.87
N THR G 23 47.68 39.59 5.35
CA THR G 23 47.34 38.18 5.56
C THR G 23 48.28 37.53 6.59
N CYS G 24 47.79 36.52 7.30
CA CYS G 24 48.63 35.89 8.32
C CYS G 24 49.70 34.98 7.71
N GLY G 25 49.74 34.83 6.38
CA GLY G 25 50.64 33.89 5.75
C GLY G 25 51.92 34.48 5.18
N LYS G 26 52.15 35.79 5.35
CA LYS G 26 53.35 36.42 4.80
C LYS G 26 54.66 35.77 5.26
N PRO G 27 54.88 35.42 6.57
CA PRO G 27 56.14 34.74 6.93
C PRO G 27 56.24 33.35 6.32
N GLY G 28 55.22 32.94 5.56
CA GLY G 28 55.30 31.74 4.76
C GLY G 28 56.41 31.80 3.73
N GLN G 29 56.78 33.01 3.28
CA GLN G 29 57.95 33.16 2.43
C GLN G 29 59.19 32.48 3.03
N ASN G 30 59.33 32.52 4.35
CA ASN G 30 60.57 32.07 4.98
C ASN G 30 60.68 30.57 5.08
N ILE G 31 59.63 29.82 4.79
CA ILE G 31 59.64 28.36 4.93
C ILE G 31 59.69 27.67 3.57
N GLU G 32 59.90 28.43 2.51
CA GLU G 32 59.79 27.90 1.15
C GLU G 32 60.86 26.84 0.88
N ASP G 33 62.06 27.03 1.43
CA ASP G 33 63.15 26.09 1.16
C ASP G 33 62.98 24.80 1.95
N PHE G 34 62.52 24.90 3.19
CA PHE G 34 62.25 23.69 3.97
C PHE G 34 61.11 22.90 3.34
N ILE G 35 60.05 23.56 2.87
CA ILE G 35 58.93 22.84 2.26
C ILE G 35 59.41 22.09 1.02
N VAL G 36 60.21 22.76 0.18
CA VAL G 36 60.81 22.12 -0.99
C VAL G 36 61.60 20.88 -0.58
N SER G 37 62.35 20.95 0.52
CA SER G 37 63.16 19.79 0.88
C SER G 37 62.30 18.67 1.43
N ARG G 38 61.18 18.99 2.09
CA ARG G 38 60.27 17.92 2.51
C ARG G 38 59.64 17.24 1.31
N ILE G 39 59.20 18.01 0.32
CA ILE G 39 58.60 17.43 -0.89
C ILE G 39 59.60 16.52 -1.58
N ASN G 40 60.84 17.01 -1.76
CA ASN G 40 61.87 16.19 -2.38
C ASN G 40 62.12 14.92 -1.57
N ASP G 41 62.08 15.01 -0.24
CA ASP G 41 62.35 13.82 0.56
C ASP G 41 61.25 12.78 0.42
N PHE G 42 59.98 13.22 0.44
CA PHE G 42 58.87 12.30 0.25
C PHE G 42 58.91 11.71 -1.15
N ASN G 43 59.18 12.54 -2.15
CA ASN G 43 59.21 12.08 -3.53
C ASN G 43 60.32 11.06 -3.76
N TYR G 44 61.44 11.19 -3.05
CA TYR G 44 62.52 10.21 -3.17
C TYR G 44 62.03 8.79 -2.89
N TYR G 45 61.11 8.64 -1.94
CA TYR G 45 60.57 7.32 -1.61
C TYR G 45 59.28 7.00 -2.36
N GLN G 46 58.86 7.86 -3.29
CA GLN G 46 57.52 7.78 -3.89
C GLN G 46 56.41 7.84 -2.84
N ASP G 47 56.67 8.47 -1.68
CA ASP G 47 55.61 8.74 -0.72
C ASP G 47 54.62 9.77 -1.27
N HIS G 48 53.35 9.66 -0.87
CA HIS G 48 52.34 10.53 -1.44
C HIS G 48 52.43 11.95 -0.88
N ILE G 49 52.16 12.93 -1.74
CA ILE G 49 52.21 14.35 -1.44
C ILE G 49 50.90 14.98 -1.86
N PHE G 50 50.26 15.71 -0.94
CA PHE G 50 48.96 16.33 -1.17
C PHE G 50 49.09 17.84 -1.06
N PHE G 51 48.70 18.55 -2.11
CA PHE G 51 48.62 20.00 -2.11
C PHE G 51 47.16 20.39 -1.90
N LEU G 52 46.90 21.13 -0.82
CA LEU G 52 45.55 21.47 -0.39
C LEU G 52 45.38 22.98 -0.48
N MET G 53 44.42 23.41 -1.29
CA MET G 53 44.30 24.80 -1.70
C MET G 53 42.86 25.26 -1.58
N ASP G 54 42.65 26.39 -0.88
CA ASP G 54 41.30 26.92 -0.68
C ASP G 54 40.77 27.53 -1.98
N LEU G 55 39.46 27.39 -2.17
CA LEU G 55 38.78 27.83 -3.39
C LEU G 55 38.45 29.33 -3.41
N HIS G 56 39.01 30.13 -2.52
CA HIS G 56 38.90 31.60 -2.64
C HIS G 56 40.13 32.31 -2.07
N GLU G 81 47.62 29.64 -7.36
CA GLU G 81 48.90 29.06 -7.78
C GLU G 81 49.86 28.92 -6.62
N LEU G 82 50.67 27.86 -6.63
CA LEU G 82 51.59 27.63 -5.52
C LEU G 82 52.73 28.63 -5.57
N TYR G 83 53.16 29.10 -4.40
CA TYR G 83 54.16 30.16 -4.31
C TYR G 83 55.57 29.64 -4.58
N GLY G 84 56.35 30.44 -5.32
CA GLY G 84 57.80 30.33 -5.33
C GLY G 84 58.35 29.02 -5.85
N LYS G 85 59.38 28.51 -5.18
CA LYS G 85 60.03 27.28 -5.62
C LYS G 85 59.14 26.06 -5.42
N VAL G 86 58.21 26.11 -4.46
CA VAL G 86 57.22 25.03 -4.33
C VAL G 86 56.38 24.94 -5.61
N GLY G 87 55.93 26.09 -6.10
CA GLY G 87 55.24 26.13 -7.39
C GLY G 87 56.09 25.60 -8.53
N LYS G 88 57.38 25.98 -8.58
CA LYS G 88 58.25 25.46 -9.64
C LYS G 88 58.44 23.96 -9.50
N LEU G 89 58.63 23.48 -8.27
CA LEU G 89 58.79 22.05 -8.05
C LEU G 89 57.51 21.30 -8.45
N TYR G 90 56.34 21.86 -8.12
CA TYR G 90 55.06 21.21 -8.45
C TYR G 90 54.93 20.98 -9.94
N GLU G 91 55.38 21.91 -10.78
CA GLU G 91 55.17 21.74 -12.20
C GLU G 91 55.96 20.56 -12.75
N THR G 92 57.06 20.18 -12.09
CA THR G 92 57.87 19.07 -12.57
C THR G 92 57.35 17.70 -12.12
N ILE G 93 56.55 17.65 -11.06
CA ILE G 93 56.10 16.38 -10.49
C ILE G 93 54.58 16.21 -10.55
N LYS G 94 53.86 17.18 -11.12
CA LYS G 94 52.40 17.24 -10.94
C LYS G 94 51.66 16.04 -11.53
N ALA G 95 52.23 15.38 -12.54
CA ALA G 95 51.54 14.26 -13.18
C ALA G 95 51.88 12.92 -12.56
N GLN G 96 52.82 12.86 -11.62
CA GLN G 96 53.22 11.60 -11.03
C GLN G 96 52.07 11.00 -10.21
N PRO G 97 52.02 9.67 -10.08
CA PRO G 97 50.94 9.06 -9.29
C PRO G 97 51.00 9.38 -7.79
N ASN G 98 52.14 9.77 -7.23
CA ASN G 98 52.19 10.08 -5.80
C ASN G 98 51.89 11.56 -5.48
N VAL G 99 51.39 12.33 -6.44
CA VAL G 99 51.20 13.76 -6.26
C VAL G 99 49.73 14.10 -6.52
N HIS G 100 49.13 14.86 -5.60
CA HIS G 100 47.69 15.13 -5.64
C HIS G 100 47.42 16.58 -5.32
N PHE G 101 46.32 17.09 -5.88
CA PHE G 101 45.94 18.46 -5.70
C PHE G 101 44.46 18.46 -5.35
N ILE G 102 44.13 18.94 -4.16
CA ILE G 102 42.77 18.88 -3.65
C ILE G 102 42.29 20.29 -3.33
N ASP G 103 41.14 20.67 -3.90
CA ASP G 103 40.46 21.93 -3.54
C ASP G 103 39.70 21.77 -2.24
N LYS G 104 39.76 22.78 -1.39
CA LYS G 104 39.03 22.75 -0.13
C LYS G 104 38.22 24.03 0.07
N THR G 105 37.13 23.93 0.82
CA THR G 105 36.26 25.07 1.02
C THR G 105 36.30 25.66 2.42
N ARG G 106 36.89 24.97 3.40
CA ARG G 106 37.05 25.53 4.73
C ARG G 106 38.52 25.42 5.12
N TYR G 107 38.87 25.98 6.29
CA TYR G 107 40.26 25.93 6.73
C TYR G 107 40.76 24.50 6.82
N ASP G 108 39.92 23.61 7.36
CA ASP G 108 40.27 22.21 7.58
C ASP G 108 40.36 21.47 6.24
N SER G 109 41.55 20.93 5.94
CA SER G 109 41.77 20.18 4.69
C SER G 109 40.84 18.97 4.55
N PHE G 110 40.41 18.39 5.67
CA PHE G 110 39.56 17.22 5.61
C PHE G 110 38.09 17.52 5.36
N PHE G 111 37.65 18.78 5.53
CA PHE G 111 36.21 19.06 5.57
C PHE G 111 35.64 19.15 4.15
N GLY G 112 34.69 18.27 3.83
CA GLY G 112 34.08 18.28 2.53
C GLY G 112 34.98 17.86 1.37
N THR G 113 36.14 17.26 1.65
CA THR G 113 37.07 16.75 0.64
C THR G 113 37.18 15.23 0.75
N PRO G 114 37.75 14.56 -0.26
CA PRO G 114 38.02 13.12 -0.14
C PRO G 114 39.38 12.79 0.47
N LEU G 115 40.03 13.74 1.16
CA LEU G 115 41.38 13.51 1.64
C LEU G 115 41.46 12.26 2.52
N ASP G 116 40.58 12.13 3.51
CA ASP G 116 40.62 10.94 4.36
C ASP G 116 40.50 9.67 3.52
N SER G 117 39.56 9.63 2.57
CA SER G 117 39.41 8.41 1.78
C SER G 117 40.63 8.14 0.89
N LEU G 118 41.28 9.20 0.39
CA LEU G 118 42.48 9.04 -0.42
C LEU G 118 43.64 8.48 0.39
N LEU G 119 43.80 8.94 1.63
CA LEU G 119 44.86 8.41 2.49
C LEU G 119 44.57 6.98 2.87
N ARG G 120 43.31 6.69 3.22
CA ARG G 120 42.89 5.33 3.55
C ARG G 120 43.15 4.36 2.41
N GLU G 121 42.87 4.81 1.17
CA GLU G 121 43.07 3.99 -0.03
C GLU G 121 44.51 3.52 -0.17
N ARG G 122 45.45 4.33 0.29
CA ARG G 122 46.87 4.09 0.15
C ARG G 122 47.50 3.60 1.44
N SER G 123 46.67 3.17 2.39
CA SER G 123 47.15 2.59 3.65
C SER G 123 48.06 3.54 4.42
N ILE G 124 47.79 4.84 4.33
CA ILE G 124 48.58 5.86 5.02
C ILE G 124 48.08 6.04 6.46
N ASN G 125 49.00 6.06 7.43
CA ASN G 125 48.61 6.27 8.81
C ASN G 125 49.39 7.39 9.49
N GLN G 126 50.28 8.08 8.78
CA GLN G 126 51.03 9.19 9.34
C GLN G 126 51.01 10.34 8.36
N VAL G 127 50.71 11.54 8.85
CA VAL G 127 50.77 12.72 8.00
C VAL G 127 51.77 13.68 8.61
N GLU G 128 52.56 14.29 7.74
CA GLU G 128 53.38 15.45 8.09
C GLU G 128 52.70 16.66 7.48
N ILE G 129 52.55 17.72 8.25
CA ILE G 129 51.78 18.89 7.81
C ILE G 129 52.72 20.09 7.72
N VAL G 130 52.75 20.73 6.56
CA VAL G 130 53.56 21.93 6.37
C VAL G 130 52.66 22.98 5.73
N GLY G 131 53.05 24.25 5.90
CA GLY G 131 52.32 25.31 5.24
C GLY G 131 51.86 26.44 6.16
N VAL G 132 50.76 27.12 5.81
CA VAL G 132 50.26 28.27 6.55
C VAL G 132 48.73 28.20 6.65
N CYS G 133 48.17 28.87 7.65
CA CYS G 133 48.88 29.43 8.80
C CYS G 133 48.85 28.43 9.94
N THR G 134 49.89 28.48 10.76
CA THR G 134 50.05 27.52 11.85
C THR G 134 48.80 27.38 12.69
N ASP G 135 48.15 28.49 13.01
CA ASP G 135 47.06 28.47 13.99
C ASP G 135 45.70 28.62 13.34
N ILE G 136 45.60 28.41 12.03
CA ILE G 136 44.31 28.39 11.33
C ILE G 136 44.20 27.10 10.50
N CYS G 137 44.57 27.16 9.22
CA CYS G 137 44.43 26.00 8.33
C CYS G 137 45.28 24.82 8.81
N VAL G 138 46.53 25.07 9.21
CA VAL G 138 47.33 23.97 9.73
C VAL G 138 46.67 23.38 10.97
N LEU G 139 46.24 24.24 11.90
CA LEU G 139 45.62 23.76 13.14
C LEU G 139 44.35 22.96 12.89
N HIS G 140 43.45 23.47 12.05
CA HIS G 140 42.20 22.76 11.80
C HIS G 140 42.43 21.43 11.08
N THR G 141 43.44 21.39 10.18
CA THR G 141 43.76 20.15 9.49
C THR G 141 44.34 19.11 10.45
N ALA G 142 45.22 19.56 11.36
CA ALA G 142 45.83 18.66 12.34
C ALA G 142 44.80 18.11 13.34
N ILE G 143 43.86 18.94 13.78
CA ILE G 143 42.81 18.45 14.67
C ILE G 143 41.99 17.36 14.00
N SER G 144 41.60 17.57 12.74
CA SER G 144 40.88 16.52 12.01
C SER G 144 41.75 15.28 11.84
N ALA G 145 43.03 15.47 11.48
CA ALA G 145 43.91 14.31 11.33
C ALA G 145 44.03 13.57 12.64
N TYR G 146 44.16 14.30 13.76
CA TYR G 146 44.20 13.66 15.06
C TYR G 146 42.92 12.87 15.34
N ASN G 147 41.75 13.47 15.07
CA ASN G 147 40.48 12.79 15.34
C ASN G 147 40.33 11.50 14.53
N LEU G 148 40.75 11.53 13.26
CA LEU G 148 40.65 10.38 12.37
C LEU G 148 41.71 9.33 12.62
N GLY G 149 42.54 9.46 13.66
CA GLY G 149 43.50 8.44 14.05
C GLY G 149 44.86 8.48 13.38
N TYR G 150 45.19 9.56 12.66
CA TYR G 150 46.52 9.66 12.05
C TYR G 150 47.57 10.09 13.05
N LYS G 151 48.75 9.49 12.95
CA LYS G 151 49.92 10.05 13.60
C LYS G 151 50.30 11.34 12.89
N ILE G 152 50.79 12.31 13.64
CA ILE G 152 50.98 13.65 13.11
C ILE G 152 52.42 14.08 13.34
N SER G 153 53.02 14.71 12.34
CA SER G 153 54.21 15.50 12.55
C SER G 153 53.96 16.88 11.97
N VAL G 154 54.34 17.91 12.72
CA VAL G 154 54.31 19.28 12.21
C VAL G 154 55.67 19.89 12.53
N PRO G 155 56.63 19.85 11.63
CA PRO G 155 57.95 20.43 11.91
C PRO G 155 57.83 21.93 12.13
N ALA G 156 58.44 22.42 13.21
CA ALA G 156 58.35 23.84 13.51
C ALA G 156 58.84 24.70 12.36
N GLU G 157 59.83 24.20 11.59
CA GLU G 157 60.42 24.92 10.47
C GLU G 157 59.60 24.86 9.19
N GLY G 158 58.56 24.04 9.13
CA GLY G 158 57.72 23.96 7.95
C GLY G 158 56.37 24.66 8.02
N VAL G 159 56.08 25.39 9.10
CA VAL G 159 54.81 26.12 9.22
C VAL G 159 55.08 27.54 9.69
N ALA G 160 54.23 28.47 9.24
CA ALA G 160 54.38 29.88 9.62
C ALA G 160 53.01 30.52 9.88
N SER G 161 53.05 31.58 10.69
CA SER G 161 51.90 32.43 10.95
C SER G 161 52.38 33.83 11.30
N PHE G 162 51.75 34.86 10.73
CA PHE G 162 52.03 36.23 11.14
C PHE G 162 51.69 36.45 12.62
N ASN G 163 50.75 35.69 13.15
CA ASN G 163 50.41 35.72 14.57
C ASN G 163 51.43 34.87 15.32
N GLN G 164 52.48 35.50 15.84
CA GLN G 164 53.55 34.70 16.41
C GLN G 164 53.14 34.08 17.75
N LYS G 165 52.24 34.73 18.48
CA LYS G 165 51.70 34.10 19.68
C LYS G 165 50.84 32.89 19.32
N GLY G 166 50.08 32.98 18.24
CA GLY G 166 49.31 31.83 17.79
C GLY G 166 50.19 30.71 17.26
N HIS G 167 51.28 31.04 16.58
CA HIS G 167 52.19 30.02 16.07
C HIS G 167 52.78 29.20 17.21
N GLU G 168 53.20 29.89 18.28
CA GLU G 168 53.76 29.21 19.46
C GLU G 168 52.71 28.40 20.20
N TRP G 169 51.51 28.97 20.36
CA TRP G 169 50.43 28.23 21.01
C TRP G 169 50.11 26.97 20.21
N ALA G 170 50.02 27.09 18.89
CA ALA G 170 49.64 25.96 18.04
C ALA G 170 50.69 24.84 18.07
N LEU G 171 51.98 25.18 17.95
CA LEU G 171 53.01 24.14 18.03
C LEU G 171 52.93 23.38 19.36
N ALA G 172 52.58 24.07 20.45
CA ALA G 172 52.48 23.42 21.75
C ALA G 172 51.23 22.55 21.82
N HIS G 173 50.12 23.05 21.28
CA HIS G 173 48.89 22.25 21.14
C HIS G 173 49.15 20.96 20.37
N PHE G 174 49.78 21.07 19.19
CA PHE G 174 50.11 19.89 18.39
C PHE G 174 50.85 18.85 19.24
N LYS G 175 51.83 19.29 20.01
CA LYS G 175 52.61 18.37 20.82
C LYS G 175 51.86 17.93 22.07
N ASN G 176 51.21 18.86 22.78
CA ASN G 176 50.68 18.50 24.09
C ASN G 176 49.30 17.87 23.99
N SER G 177 48.47 18.30 23.04
CA SER G 177 47.12 17.75 22.93
C SER G 177 46.95 16.74 21.79
N LEU G 178 47.66 16.91 20.68
CA LEU G 178 47.45 16.05 19.53
C LEU G 178 48.48 14.95 19.40
N GLY G 179 49.40 14.83 20.36
CA GLY G 179 50.39 13.76 20.32
C GLY G 179 51.34 13.83 19.15
N ALA G 180 51.53 15.01 18.56
CA ALA G 180 52.33 15.16 17.35
C ALA G 180 53.82 15.26 17.67
N GLU G 181 54.63 14.82 16.71
CA GLU G 181 56.06 15.15 16.68
C GLU G 181 56.23 16.56 16.12
N VAL G 182 56.78 17.46 16.93
CA VAL G 182 57.08 18.81 16.45
C VAL G 182 58.58 19.05 16.59
N GLU G 183 59.36 18.57 15.63
CA GLU G 183 60.82 18.75 15.73
C GLU G 183 61.18 20.21 15.46
N GLN G 184 62.04 20.77 16.32
CA GLN G 184 62.41 22.17 16.16
C GLN G 184 63.45 22.38 15.06
N HIS G 185 64.26 21.36 14.76
CA HIS G 185 65.29 21.45 13.73
C HIS G 185 65.33 20.12 12.99
N VAL G 186 64.74 20.08 11.79
CA VAL G 186 64.72 18.87 10.98
C VAL G 186 65.72 18.98 9.84
N MET H 1 16.17 32.77 10.85
CA MET H 1 15.74 33.05 12.23
C MET H 1 16.46 32.14 13.23
N THR H 2 16.82 32.71 14.39
CA THR H 2 17.67 32.01 15.35
C THR H 2 16.90 30.97 16.16
N HIS H 3 17.50 29.78 16.28
CA HIS H 3 17.02 28.72 17.16
C HIS H 3 18.23 28.12 17.85
N ARG H 4 18.38 28.37 19.15
CA ARG H 4 19.67 28.22 19.81
C ARG H 4 19.65 27.01 20.74
N ALA H 5 20.87 26.50 21.00
CA ALA H 5 21.09 25.43 21.98
C ALA H 5 22.32 25.77 22.79
N LEU H 6 22.39 25.20 23.99
CA LEU H 6 23.52 25.40 24.91
C LEU H 6 24.34 24.12 24.95
N LEU H 7 25.64 24.23 24.72
CA LEU H 7 26.57 23.11 24.84
C LEU H 7 27.42 23.32 26.09
N VAL H 8 27.27 22.43 27.08
CA VAL H 8 28.06 22.50 28.31
C VAL H 8 29.13 21.42 28.22
N VAL H 9 30.38 21.84 28.02
CA VAL H 9 31.46 20.96 27.59
C VAL H 9 32.34 20.60 28.79
N ASP H 10 32.33 19.32 29.17
CA ASP H 10 33.32 18.74 30.07
C ASP H 10 33.42 19.48 31.41
N TYR H 11 32.28 19.85 31.98
CA TYR H 11 32.27 20.53 33.28
C TYR H 11 32.12 19.51 34.41
N SER H 12 33.11 18.62 34.53
CA SER H 12 33.01 17.54 35.49
C SER H 12 33.92 17.80 36.68
N TYR H 13 33.68 17.04 37.75
CA TYR H 13 34.52 17.09 38.94
C TYR H 13 35.99 16.89 38.60
N ASP H 14 36.30 15.92 37.73
CA ASP H 14 37.69 15.60 37.43
C ASP H 14 38.42 16.75 36.75
N PHE H 15 37.73 17.54 35.93
CA PHE H 15 38.37 18.67 35.29
C PHE H 15 38.32 19.96 36.12
N ILE H 16 37.44 20.06 37.11
CA ILE H 16 37.16 21.33 37.77
C ILE H 16 37.65 21.34 39.22
N ALA H 17 37.39 20.28 39.97
CA ALA H 17 37.58 20.29 41.42
C ALA H 17 39.05 20.27 41.81
N ASP H 18 39.33 20.92 42.94
CA ASP H 18 40.67 20.94 43.55
C ASP H 18 41.40 19.61 43.42
N ASP H 19 40.75 18.53 43.88
CA ASP H 19 41.28 17.19 43.91
C ASP H 19 41.11 16.43 42.60
N GLY H 20 40.64 17.10 41.54
CA GLY H 20 40.32 16.41 40.31
C GLY H 20 41.55 15.86 39.61
N LEU H 21 41.38 14.70 38.98
CA LEU H 21 42.52 13.96 38.43
C LEU H 21 43.23 14.70 37.31
N LEU H 22 42.50 15.50 36.50
CA LEU H 22 43.08 16.32 35.43
C LEU H 22 42.47 17.72 35.52
N THR H 23 43.01 18.56 36.41
CA THR H 23 42.27 19.68 36.97
C THR H 23 42.47 20.99 36.23
N CYS H 24 41.35 21.72 36.02
CA CYS H 24 41.38 23.12 35.62
C CYS H 24 41.64 24.05 36.79
N GLY H 25 41.34 23.61 37.99
CA GLY H 25 41.60 24.44 39.13
C GLY H 25 40.70 25.65 39.17
N LYS H 26 41.20 26.67 39.87
CA LYS H 26 40.39 27.84 40.18
C LYS H 26 39.80 28.52 38.94
N PRO H 27 40.49 28.61 37.79
CA PRO H 27 39.81 29.15 36.59
C PRO H 27 38.52 28.43 36.24
N GLY H 28 38.48 27.10 36.34
CA GLY H 28 37.25 26.38 36.03
C GLY H 28 36.19 26.52 37.09
N GLN H 29 36.60 26.66 38.36
CA GLN H 29 35.65 26.88 39.44
C GLN H 29 34.97 28.25 39.32
N ASN H 30 35.66 29.24 38.73
CA ASN H 30 35.21 30.62 38.73
C ASN H 30 34.10 30.90 37.71
N ILE H 31 33.86 30.00 36.75
CA ILE H 31 32.80 30.18 35.77
C ILE H 31 31.54 29.43 36.13
N GLU H 32 31.51 28.77 37.29
CA GLU H 32 30.36 27.95 37.69
C GLU H 32 29.05 28.75 37.67
N ASP H 33 29.01 29.90 38.35
CA ASP H 33 27.76 30.65 38.46
C ASP H 33 27.27 31.11 37.09
N PHE H 34 28.19 31.54 36.22
CA PHE H 34 27.78 31.98 34.89
C PHE H 34 27.19 30.83 34.09
N ILE H 35 27.77 29.64 34.21
CA ILE H 35 27.22 28.47 33.52
C ILE H 35 25.82 28.16 34.05
N VAL H 36 25.68 28.12 35.38
CA VAL H 36 24.36 27.89 35.98
C VAL H 36 23.37 28.93 35.47
N SER H 37 23.80 30.18 35.44
CA SER H 37 22.94 31.23 34.91
C SER H 37 22.55 30.98 33.45
N ARG H 38 23.47 30.43 32.64
CA ARG H 38 23.14 30.20 31.24
C ARG H 38 22.18 29.03 31.10
N ILE H 39 22.38 27.98 31.89
CA ILE H 39 21.49 26.82 31.83
C ILE H 39 20.07 27.25 32.19
N ASN H 40 19.94 28.09 33.22
CA ASN H 40 18.63 28.59 33.62
C ASN H 40 18.02 29.46 32.53
N ASP H 41 18.83 30.28 31.87
CA ASP H 41 18.26 31.14 30.84
C ASP H 41 17.71 30.32 29.66
N PHE H 42 18.42 29.27 29.23
CA PHE H 42 17.91 28.41 28.17
C PHE H 42 16.72 27.60 28.65
N ASN H 43 16.79 27.13 29.87
CA ASN H 43 15.71 26.32 30.42
C ASN H 43 14.43 27.14 30.55
N TYR H 44 14.54 28.43 30.87
CA TYR H 44 13.35 29.27 30.99
C TYR H 44 12.51 29.21 29.72
N TYR H 45 13.16 29.20 28.56
CA TYR H 45 12.49 29.15 27.27
C TYR H 45 12.26 27.72 26.76
N GLN H 46 12.68 26.70 27.49
CA GLN H 46 12.68 25.31 27.04
C GLN H 46 13.58 25.12 25.82
N ASP H 47 14.57 26.00 25.63
CA ASP H 47 15.62 25.80 24.64
C ASP H 47 16.49 24.60 25.05
N HIS H 48 17.02 23.89 24.05
CA HIS H 48 17.73 22.65 24.31
C HIS H 48 19.11 22.88 24.90
N ILE H 49 19.48 22.02 25.85
CA ILE H 49 20.75 22.08 26.57
C ILE H 49 21.42 20.71 26.45
N PHE H 50 22.69 20.70 26.03
CA PHE H 50 23.46 19.47 25.83
C PHE H 50 24.66 19.45 26.76
N PHE H 51 24.74 18.45 27.62
CA PHE H 51 25.88 18.22 28.49
C PHE H 51 26.79 17.20 27.82
N LEU H 52 28.01 17.62 27.49
CA LEU H 52 28.94 16.80 26.73
C LEU H 52 30.09 16.41 27.62
N MET H 53 30.25 15.10 27.84
CA MET H 53 31.15 14.55 28.86
C MET H 53 32.07 13.49 28.27
N ASP H 54 33.38 13.71 28.41
CA ASP H 54 34.38 12.70 28.08
C ASP H 54 34.11 11.43 28.89
N LEU H 55 34.01 10.29 28.19
CA LEU H 55 33.64 9.04 28.86
C LEU H 55 34.86 8.31 29.41
N HIS H 56 35.80 7.96 28.53
CA HIS H 56 36.96 7.16 28.90
C HIS H 56 36.55 5.81 29.50
N THR H 77 31.79 6.14 38.06
CA THR H 77 32.86 6.82 38.79
C THR H 77 32.49 8.26 39.12
N SER H 78 32.80 8.67 40.35
CA SER H 78 32.41 10.00 40.82
C SER H 78 33.23 11.12 40.19
N GLY H 79 34.39 10.81 39.60
CA GLY H 79 35.15 11.84 38.91
C GLY H 79 34.51 12.30 37.61
N ARG H 80 33.61 11.49 37.04
CA ARG H 80 32.97 11.76 35.77
C ARG H 80 31.71 12.61 35.90
N GLU H 81 31.28 12.95 37.12
CA GLU H 81 30.02 13.64 37.31
C GLU H 81 30.18 15.15 37.22
N LEU H 82 29.09 15.83 36.87
CA LEU H 82 29.10 17.27 36.70
C LEU H 82 29.46 17.95 38.02
N TYR H 83 30.22 19.03 37.93
CA TYR H 83 30.79 19.67 39.11
C TYR H 83 29.84 20.67 39.77
N GLY H 84 29.85 20.66 41.11
CA GLY H 84 29.36 21.81 41.87
C GLY H 84 27.89 22.07 41.65
N LYS H 85 27.55 23.35 41.46
CA LYS H 85 26.16 23.74 41.29
C LYS H 85 25.61 23.35 39.92
N VAL H 86 26.47 23.11 38.94
CA VAL H 86 26.01 22.60 37.66
C VAL H 86 25.50 21.17 37.81
N GLY H 87 26.25 20.34 38.54
CA GLY H 87 25.77 19.00 38.86
C GLY H 87 24.42 19.05 39.57
N LYS H 88 24.30 19.89 40.60
CA LYS H 88 23.05 19.99 41.34
C LYS H 88 21.90 20.41 40.43
N LEU H 89 22.12 21.44 39.63
CA LEU H 89 21.09 21.86 38.68
C LEU H 89 20.69 20.71 37.76
N TYR H 90 21.69 20.01 37.20
CA TYR H 90 21.42 18.93 36.25
C TYR H 90 20.48 17.88 36.84
N GLU H 91 20.68 17.55 38.12
CA GLU H 91 19.85 16.52 38.74
C GLU H 91 18.38 16.92 38.71
N THR H 92 18.08 18.20 38.87
CA THR H 92 16.68 18.63 38.88
C THR H 92 16.04 18.65 37.49
N ILE H 93 16.82 18.73 36.42
CA ILE H 93 16.26 18.92 35.07
C ILE H 93 16.58 17.77 34.14
N LYS H 94 17.25 16.71 34.60
CA LYS H 94 17.87 15.76 33.67
C LYS H 94 16.83 15.00 32.84
N ALA H 95 15.61 14.85 33.35
CA ALA H 95 14.60 14.08 32.64
C ALA H 95 13.69 14.94 31.77
N GLN H 96 14.03 16.21 31.55
CA GLN H 96 13.19 17.03 30.70
C GLN H 96 13.54 16.79 29.22
N PRO H 97 12.57 16.95 28.32
CA PRO H 97 12.83 16.69 26.89
C PRO H 97 13.76 17.70 26.23
N ASN H 98 14.06 18.84 26.86
CA ASN H 98 15.03 19.77 26.32
C ASN H 98 16.45 19.57 26.89
N VAL H 99 16.70 18.52 27.66
CA VAL H 99 17.98 18.31 28.31
C VAL H 99 18.56 16.99 27.82
N HIS H 100 19.85 17.01 27.46
CA HIS H 100 20.49 15.86 26.83
C HIS H 100 21.89 15.68 27.41
N PHE H 101 22.27 14.41 27.57
CA PHE H 101 23.59 14.04 28.09
C PHE H 101 24.28 13.17 27.05
N ILE H 102 25.43 13.61 26.56
CA ILE H 102 26.12 12.93 25.47
C ILE H 102 27.53 12.58 25.90
N ASP H 103 27.87 11.29 25.81
CA ASP H 103 29.25 10.83 26.02
C ASP H 103 30.08 11.07 24.77
N LYS H 104 31.32 11.52 24.96
CA LYS H 104 32.20 11.73 23.82
C LYS H 104 33.52 11.00 24.04
N THR H 105 34.20 10.66 22.94
CA THR H 105 35.47 9.95 23.02
C THR H 105 36.68 10.81 22.69
N ARG H 106 36.49 11.98 22.07
CA ARG H 106 37.58 12.90 21.75
C ARG H 106 37.25 14.27 22.32
N TYR H 107 38.18 15.22 22.17
CA TYR H 107 37.94 16.57 22.68
C TYR H 107 36.73 17.18 22.01
N ASP H 108 36.56 16.91 20.72
CA ASP H 108 35.51 17.51 19.91
C ASP H 108 34.17 16.89 20.26
N SER H 109 33.20 17.74 20.65
CA SER H 109 31.88 17.26 21.04
C SER H 109 31.10 16.64 19.89
N PHE H 110 31.41 17.02 18.64
CA PHE H 110 30.74 16.48 17.47
C PHE H 110 31.33 15.16 16.98
N PHE H 111 32.54 14.79 17.41
CA PHE H 111 33.22 13.65 16.78
C PHE H 111 32.72 12.34 17.34
N GLY H 112 32.20 11.48 16.47
CA GLY H 112 31.74 10.19 16.91
C GLY H 112 30.47 10.20 17.75
N THR H 113 29.76 11.33 17.79
CA THR H 113 28.53 11.51 18.58
C THR H 113 27.37 11.87 17.66
N PRO H 114 26.13 11.66 18.10
CA PRO H 114 24.98 12.11 17.29
C PRO H 114 24.66 13.60 17.46
N LEU H 115 25.59 14.40 17.98
CA LEU H 115 25.26 15.77 18.36
C LEU H 115 24.69 16.57 17.19
N ASP H 116 25.40 16.60 16.06
CA ASP H 116 24.91 17.31 14.88
C ASP H 116 23.50 16.84 14.47
N SER H 117 23.27 15.52 14.49
CA SER H 117 21.96 15.03 14.06
C SER H 117 20.87 15.43 15.06
N LEU H 118 21.21 15.52 16.34
CA LEU H 118 20.25 15.95 17.35
C LEU H 118 19.87 17.41 17.19
N LEU H 119 20.86 18.26 16.91
CA LEU H 119 20.61 19.68 16.67
C LEU H 119 19.77 19.89 15.41
N ARG H 120 20.15 19.22 14.31
CA ARG H 120 19.40 19.38 13.06
C ARG H 120 17.95 18.94 13.23
N GLU H 121 17.72 17.83 13.94
CA GLU H 121 16.37 17.32 14.20
C GLU H 121 15.46 18.37 14.85
N ARG H 122 16.04 19.25 15.66
CA ARG H 122 15.31 20.28 16.38
C ARG H 122 15.44 21.64 15.73
N SER H 123 15.90 21.69 14.47
CA SER H 123 16.04 22.96 13.73
C SER H 123 16.95 23.96 14.43
N ILE H 124 17.96 23.48 15.15
CA ILE H 124 18.90 24.38 15.81
C ILE H 124 19.89 24.90 14.78
N ASN H 125 20.14 26.21 14.80
CA ASN H 125 21.12 26.79 13.90
C ASN H 125 22.11 27.67 14.64
N GLN H 126 22.06 27.71 15.97
CA GLN H 126 23.00 28.53 16.73
C GLN H 126 23.36 27.77 17.99
N VAL H 127 24.64 27.73 18.33
CA VAL H 127 25.06 27.10 19.58
C VAL H 127 25.84 28.10 20.41
N GLU H 128 25.61 28.06 21.71
CA GLU H 128 26.39 28.78 22.68
C GLU H 128 27.21 27.73 23.38
N ILE H 129 28.50 28.00 23.56
CA ILE H 129 29.43 27.00 24.07
C ILE H 129 30.03 27.54 25.36
N VAL H 130 29.94 26.74 26.42
CA VAL H 130 30.52 27.06 27.72
C VAL H 130 31.19 25.80 28.26
N GLY H 131 32.09 25.99 29.22
CA GLY H 131 32.80 24.89 29.82
C GLY H 131 34.31 25.01 29.64
N VAL H 132 35.03 23.88 29.73
CA VAL H 132 36.50 23.89 29.71
C VAL H 132 36.99 22.78 28.78
N CYS H 133 38.23 22.91 28.27
CA CYS H 133 39.09 24.07 28.40
C CYS H 133 38.94 24.94 27.18
N THR H 134 39.03 26.26 27.35
CA THR H 134 38.82 27.19 26.23
C THR H 134 39.58 26.76 24.98
N ASP H 135 40.85 26.39 25.13
CA ASP H 135 41.72 26.15 23.99
C ASP H 135 41.85 24.66 23.65
N ILE H 136 40.99 23.80 24.21
CA ILE H 136 41.06 22.38 23.88
C ILE H 136 39.67 21.88 23.49
N CYS H 137 38.90 21.35 24.44
CA CYS H 137 37.59 20.78 24.12
C CYS H 137 36.63 21.85 23.58
N VAL H 138 36.66 23.05 24.14
CA VAL H 138 35.81 24.12 23.61
C VAL H 138 36.24 24.50 22.21
N LEU H 139 37.55 24.69 22.02
CA LEU H 139 38.11 25.00 20.71
C LEU H 139 37.72 23.97 19.67
N HIS H 140 37.99 22.68 19.93
CA HIS H 140 37.67 21.66 18.94
C HIS H 140 36.17 21.58 18.68
N THR H 141 35.35 21.71 19.73
CA THR H 141 33.89 21.74 19.54
C THR H 141 33.46 22.94 18.71
N ALA H 142 34.01 24.11 19.00
CA ALA H 142 33.66 25.29 18.22
C ALA H 142 34.06 25.16 16.75
N ILE H 143 35.24 24.59 16.49
CA ILE H 143 35.70 24.44 15.10
C ILE H 143 34.73 23.57 14.30
N SER H 144 34.33 22.44 14.87
CA SER H 144 33.35 21.58 14.18
C SER H 144 32.02 22.31 13.98
N ALA H 145 31.54 23.01 15.01
CA ALA H 145 30.27 23.75 14.87
C ALA H 145 30.37 24.79 13.75
N TYR H 146 31.51 25.46 13.67
CA TYR H 146 31.77 26.39 12.57
C TYR H 146 31.72 25.68 11.22
N ASN H 147 32.41 24.54 11.11
CA ASN H 147 32.47 23.82 9.83
C ASN H 147 31.08 23.33 9.42
N LEU H 148 30.28 22.90 10.40
CA LEU H 148 28.92 22.43 10.15
C LEU H 148 27.93 23.57 9.96
N GLY H 149 28.40 24.82 9.94
CA GLY H 149 27.53 25.94 9.58
C GLY H 149 26.64 26.47 10.68
N TYR H 150 26.92 26.16 11.93
CA TYR H 150 26.21 26.75 13.06
C TYR H 150 26.76 28.14 13.37
N LYS H 151 25.85 29.06 13.71
CA LYS H 151 26.27 30.30 14.34
C LYS H 151 26.74 30.02 15.75
N ILE H 152 27.79 30.69 16.17
CA ILE H 152 28.51 30.31 17.38
C ILE H 152 28.58 31.50 18.31
N SER H 153 28.37 31.24 19.60
CA SER H 153 28.60 32.21 20.65
C SER H 153 29.45 31.52 21.71
N VAL H 154 30.56 32.17 22.11
CA VAL H 154 31.38 31.65 23.19
C VAL H 154 31.61 32.80 24.18
N PRO H 155 30.72 33.00 25.14
CA PRO H 155 30.90 34.10 26.09
C PRO H 155 32.18 33.91 26.89
N ALA H 156 33.00 34.98 26.92
CA ALA H 156 34.28 34.90 27.63
C ALA H 156 34.12 34.50 29.09
N GLU H 157 32.96 34.82 29.70
CA GLU H 157 32.71 34.53 31.11
C GLU H 157 32.32 33.08 31.35
N GLY H 158 31.95 32.33 30.32
CA GLY H 158 31.54 30.95 30.48
C GLY H 158 32.52 29.88 30.04
N VAL H 159 33.78 30.25 29.73
CA VAL H 159 34.81 29.28 29.39
C VAL H 159 36.07 29.61 30.18
N ALA H 160 36.87 28.58 30.45
CA ALA H 160 38.15 28.77 31.14
C ALA H 160 39.18 27.74 30.68
N SER H 161 40.45 28.07 30.89
CA SER H 161 41.53 27.13 30.70
C SER H 161 42.64 27.46 31.69
N PHE H 162 43.31 26.43 32.19
CA PHE H 162 44.48 26.70 33.05
C PHE H 162 45.62 27.37 32.29
N ASN H 163 45.57 27.38 30.96
CA ASN H 163 46.56 28.03 30.11
C ASN H 163 46.00 29.39 29.70
N GLN H 164 46.40 30.45 30.42
CA GLN H 164 45.82 31.77 30.16
C GLN H 164 46.19 32.30 28.78
N LYS H 165 47.41 32.03 28.30
CA LYS H 165 47.76 32.46 26.96
C LYS H 165 46.91 31.75 25.91
N GLY H 166 46.59 30.47 26.15
CA GLY H 166 45.75 29.73 25.22
C GLY H 166 44.30 30.17 25.29
N HIS H 167 43.81 30.41 26.50
CA HIS H 167 42.49 31.01 26.68
C HIS H 167 42.32 32.26 25.83
N GLU H 168 43.30 33.17 25.90
CA GLU H 168 43.22 34.43 25.17
C GLU H 168 43.36 34.24 23.66
N TRP H 169 44.30 33.39 23.22
CA TRP H 169 44.40 33.10 21.79
C TRP H 169 43.11 32.51 21.27
N ALA H 170 42.50 31.60 22.04
CA ALA H 170 41.30 30.89 21.57
C ALA H 170 40.12 31.84 21.40
N LEU H 171 39.90 32.73 22.38
CA LEU H 171 38.79 33.69 22.25
C LEU H 171 38.96 34.58 21.02
N ALA H 172 40.19 35.03 20.73
CA ALA H 172 40.41 35.78 19.50
C ALA H 172 40.22 34.91 18.27
N HIS H 173 40.59 33.63 18.34
CA HIS H 173 40.34 32.70 17.23
C HIS H 173 38.85 32.58 16.94
N PHE H 174 38.04 32.42 17.98
CA PHE H 174 36.58 32.30 17.82
C PHE H 174 36.02 33.51 17.07
N LYS H 175 36.44 34.70 17.46
CA LYS H 175 35.86 35.91 16.89
C LYS H 175 36.40 36.20 15.50
N ASN H 176 37.71 36.05 15.29
CA ASN H 176 38.35 36.46 14.04
C ASN H 176 38.39 35.36 12.99
N SER H 177 38.44 34.09 13.37
CA SER H 177 38.43 33.04 12.34
C SER H 177 37.08 32.35 12.20
N LEU H 178 36.33 32.19 13.29
CA LEU H 178 35.08 31.42 13.25
C LEU H 178 33.83 32.29 13.27
N GLY H 179 33.97 33.61 13.18
CA GLY H 179 32.81 34.49 13.13
C GLY H 179 31.92 34.41 14.36
N ALA H 180 32.49 34.12 15.52
CA ALA H 180 31.65 33.94 16.69
C ALA H 180 31.33 35.28 17.33
N GLU H 181 30.35 35.25 18.24
CA GLU H 181 30.16 36.32 19.21
C GLU H 181 30.87 35.90 20.50
N VAL H 182 31.85 36.70 20.91
CA VAL H 182 32.60 36.49 22.14
C VAL H 182 32.35 37.73 22.98
N GLU H 183 31.39 37.66 23.91
CA GLU H 183 30.96 38.83 24.66
C GLU H 183 31.94 39.14 25.79
N GLN H 184 32.40 40.40 25.82
CA GLN H 184 33.52 40.88 26.64
C GLN H 184 34.59 39.81 26.88
#